data_1J96
#
_entry.id   1J96
#
_cell.length_a   55.072
_cell.length_b   87.148
_cell.length_c   76.877
_cell.angle_alpha   90.00
_cell.angle_beta   107.36
_cell.angle_gamma   90.00
#
_symmetry.space_group_name_H-M   'P 1 21 1'
#
loop_
_entity.id
_entity.type
_entity.pdbx_description
1 polymer '3alpha-hydroxysteroid dehydrogenase type 3'
2 non-polymer 'ACETATE ION'
3 non-polymer 'NADP NICOTINAMIDE-ADENINE-DINUCLEOTIDE PHOSPHATE'
4 non-polymer TESTOSTERONE
5 water water
#
_entity_poly.entity_id   1
_entity_poly.type   'polypeptide(L)'
_entity_poly.pdbx_seq_one_letter_code
;DDSKYQCVKLNDGHFMPVLGFGTYAPAEVPKSKALEAVKLAIEAGFHHIDSAHVYNNEEQVGLAIRSKIADGSVKREDIF
YTSKLWSNSHRPELVRPALERSLKNLQLDYVDLYLIHFPVSVKPGEEVIPKDENGKILFDTVDLCATWEAMEKCKDAGLA
KSIGVSNFNHRLLEMILNKPGLKYKPVCNQVECHPYFNQRKLLDFCKSKDIVLVAYSALGSHREEPWVDPNSPVLLEDPV
LCALAKKHKRTPALIALRYQLQRGVVVLAKSYNEQRIRQNVQVFEFQLTSEEMKAIDGLNRNVRYLTLDIFAGPPNYPFS
DEY
;
_entity_poly.pdbx_strand_id   A,B
#
loop_
_chem_comp.id
_chem_comp.type
_chem_comp.name
_chem_comp.formula
ACT non-polymer 'ACETATE ION' 'C2 H3 O2 -1'
NAP non-polymer 'NADP NICOTINAMIDE-ADENINE-DINUCLEOTIDE PHOSPHATE' 'C21 H28 N7 O17 P3'
TES non-polymer TESTOSTERONE 'C19 H28 O2'
#
# COMPACT_ATOMS: atom_id res chain seq x y z
N ASP A 1 -3.26 2.29 -32.83
CA ASP A 1 -3.02 1.09 -33.67
C ASP A 1 -3.46 -0.19 -32.98
N ASP A 2 -4.61 -0.72 -33.40
CA ASP A 2 -5.11 -1.96 -32.84
C ASP A 2 -4.69 -3.24 -33.54
N SER A 3 -3.98 -3.22 -34.67
CA SER A 3 -3.65 -4.56 -35.19
C SER A 3 -2.38 -5.07 -34.51
N LYS A 4 -1.69 -4.30 -33.69
CA LYS A 4 -0.52 -4.78 -32.96
C LYS A 4 -0.83 -4.78 -31.45
N TYR A 5 -0.22 -5.72 -30.74
CA TYR A 5 -0.43 -5.90 -29.31
C TYR A 5 0.75 -6.67 -28.71
N GLN A 6 1.02 -6.50 -27.43
CA GLN A 6 2.14 -7.16 -26.77
C GLN A 6 1.92 -8.66 -26.62
N CYS A 7 2.90 -9.45 -27.04
CA CYS A 7 2.89 -10.90 -26.98
C CYS A 7 4.25 -11.46 -26.56
N VAL A 8 4.30 -12.77 -26.39
CA VAL A 8 5.54 -13.49 -26.07
C VAL A 8 5.66 -14.68 -27.03
N LYS A 9 6.86 -14.95 -27.52
CA LYS A 9 7.11 -16.09 -28.38
C LYS A 9 7.23 -17.36 -27.54
N LEU A 10 6.37 -18.33 -27.82
CA LEU A 10 6.37 -19.61 -27.14
C LEU A 10 7.47 -20.53 -27.68
N ASN A 11 7.77 -21.60 -26.95
CA ASN A 11 8.84 -22.52 -27.35
C ASN A 11 8.52 -23.39 -28.54
N ASP A 12 7.32 -23.27 -29.13
CA ASP A 12 6.95 -23.96 -30.35
C ASP A 12 6.88 -22.96 -31.51
N GLY A 13 7.23 -21.69 -31.29
CA GLY A 13 7.19 -20.69 -32.33
C GLY A 13 5.93 -19.85 -32.42
N HIS A 14 4.84 -20.25 -31.77
CA HIS A 14 3.61 -19.44 -31.79
C HIS A 14 3.71 -18.28 -30.80
N PHE A 15 2.89 -17.26 -30.97
CA PHE A 15 2.91 -16.09 -30.10
C PHE A 15 1.66 -15.97 -29.24
N MET A 16 1.82 -15.70 -27.96
CA MET A 16 0.75 -15.58 -26.98
C MET A 16 0.63 -14.14 -26.50
N PRO A 17 -0.56 -13.53 -26.59
CA PRO A 17 -0.74 -12.17 -26.05
C PRO A 17 -0.51 -12.18 -24.54
N VAL A 18 0.13 -11.14 -24.00
CA VAL A 18 0.55 -11.16 -22.60
C VAL A 18 -0.54 -10.83 -21.59
N LEU A 19 -1.67 -10.29 -22.03
CA LEU A 19 -2.82 -10.00 -21.19
C LEU A 19 -3.97 -10.91 -21.64
N GLY A 20 -4.48 -11.76 -20.77
CA GLY A 20 -5.57 -12.65 -21.13
C GLY A 20 -6.84 -12.35 -20.33
N PHE A 21 -7.97 -12.65 -20.98
CA PHE A 21 -9.29 -12.45 -20.38
C PHE A 21 -9.82 -13.72 -19.74
N GLY A 22 -10.04 -13.68 -18.42
CA GLY A 22 -10.59 -14.82 -17.70
C GLY A 22 -12.11 -14.86 -17.85
N THR A 23 -12.64 -16.06 -18.07
CA THR A 23 -14.08 -16.20 -18.33
C THR A 23 -14.86 -16.97 -17.30
N TYR A 24 -14.25 -17.51 -16.26
CA TYR A 24 -15.02 -18.27 -15.28
C TYR A 24 -15.88 -17.35 -14.42
N ALA A 25 -17.11 -17.80 -14.16
CA ALA A 25 -17.98 -17.13 -13.20
C ALA A 25 -18.81 -18.20 -12.48
N PRO A 26 -19.17 -17.96 -11.24
CA PRO A 26 -20.01 -18.90 -10.50
C PRO A 26 -21.26 -19.27 -11.27
N ALA A 27 -21.82 -20.45 -11.04
CA ALA A 27 -23.00 -20.96 -11.74
C ALA A 27 -24.24 -20.10 -11.64
N GLU A 28 -24.39 -19.32 -10.58
CA GLU A 28 -25.44 -18.38 -10.36
C GLU A 28 -25.59 -17.27 -11.40
N VAL A 29 -24.44 -16.94 -11.97
CA VAL A 29 -24.36 -15.88 -12.96
C VAL A 29 -24.86 -16.45 -14.28
N PRO A 30 -25.90 -15.85 -14.84
CA PRO A 30 -26.46 -16.31 -16.10
C PRO A 30 -25.42 -16.34 -17.21
N LYS A 31 -25.54 -17.31 -18.11
CA LYS A 31 -24.60 -17.44 -19.22
C LYS A 31 -24.64 -16.28 -20.20
N SER A 32 -25.71 -15.51 -20.30
CA SER A 32 -25.81 -14.33 -21.13
C SER A 32 -24.72 -13.32 -20.76
N LYS A 33 -24.33 -13.29 -19.49
CA LYS A 33 -23.26 -12.44 -19.01
C LYS A 33 -21.91 -12.85 -19.57
N ALA A 34 -21.63 -14.14 -19.75
CA ALA A 34 -20.34 -14.55 -20.30
C ALA A 34 -20.22 -14.12 -21.77
N LEU A 35 -21.32 -14.28 -22.52
CA LEU A 35 -21.35 -13.91 -23.92
C LEU A 35 -21.04 -12.42 -24.07
N GLU A 36 -21.76 -11.61 -23.30
CA GLU A 36 -21.58 -10.18 -23.33
C GLU A 36 -20.20 -9.74 -22.88
N ALA A 37 -19.70 -10.35 -21.81
CA ALA A 37 -18.38 -10.01 -21.27
C ALA A 37 -17.27 -10.27 -22.28
N VAL A 38 -17.31 -11.42 -22.96
CA VAL A 38 -16.25 -11.69 -23.96
C VAL A 38 -16.32 -10.69 -25.09
N LYS A 39 -17.53 -10.31 -25.54
CA LYS A 39 -17.66 -9.30 -26.57
C LYS A 39 -17.03 -7.98 -26.12
N LEU A 40 -17.33 -7.57 -24.88
CA LEU A 40 -16.77 -6.34 -24.33
C LEU A 40 -15.24 -6.42 -24.21
N ALA A 41 -14.72 -7.59 -23.81
CA ALA A 41 -13.28 -7.76 -23.70
C ALA A 41 -12.60 -7.60 -25.05
N ILE A 42 -13.14 -8.24 -26.09
CA ILE A 42 -12.56 -8.09 -27.42
C ILE A 42 -12.62 -6.64 -27.88
N GLU A 43 -13.74 -5.96 -27.65
CA GLU A 43 -13.91 -4.55 -27.98
C GLU A 43 -12.87 -3.69 -27.29
N ALA A 44 -12.58 -3.99 -26.02
CA ALA A 44 -11.61 -3.23 -25.25
C ALA A 44 -10.16 -3.46 -25.65
N GLY A 45 -9.83 -4.55 -26.35
CA GLY A 45 -8.46 -4.79 -26.74
C GLY A 45 -7.85 -6.09 -26.23
N PHE A 46 -8.61 -6.95 -25.55
CA PHE A 46 -8.09 -8.26 -25.17
C PHE A 46 -8.00 -9.14 -26.42
N HIS A 47 -6.88 -9.84 -26.59
CA HIS A 47 -6.66 -10.72 -27.71
C HIS A 47 -6.46 -12.16 -27.27
N HIS A 48 -6.41 -12.43 -25.99
CA HIS A 48 -6.21 -13.76 -25.41
C HIS A 48 -7.41 -14.01 -24.50
N ILE A 49 -8.08 -15.13 -24.70
CA ILE A 49 -9.31 -15.49 -23.98
C ILE A 49 -9.11 -16.87 -23.35
N ASP A 50 -9.36 -16.99 -22.05
CA ASP A 50 -9.12 -18.24 -21.36
C ASP A 50 -10.41 -18.90 -20.89
N SER A 51 -10.62 -20.16 -21.27
CA SER A 51 -11.76 -20.90 -20.75
C SER A 51 -11.35 -22.35 -20.55
N ALA A 52 -12.35 -23.24 -20.42
CA ALA A 52 -12.14 -24.63 -20.08
C ALA A 52 -13.47 -25.37 -20.23
N HIS A 53 -13.41 -26.68 -20.45
CA HIS A 53 -14.64 -27.45 -20.53
C HIS A 53 -15.44 -27.31 -19.25
N VAL A 54 -14.81 -27.41 -18.07
CA VAL A 54 -15.55 -27.36 -16.82
C VAL A 54 -16.16 -26.03 -16.44
N TYR A 55 -15.88 -24.93 -17.10
CA TYR A 55 -16.49 -23.65 -16.81
C TYR A 55 -17.93 -23.59 -17.34
N ASN A 56 -18.34 -24.55 -18.16
CA ASN A 56 -19.70 -24.57 -18.69
C ASN A 56 -20.06 -23.28 -19.39
N ASN A 57 -19.16 -22.73 -20.21
CA ASN A 57 -19.44 -21.48 -20.92
C ASN A 57 -18.90 -21.51 -22.34
N GLU A 58 -18.34 -22.62 -22.83
CA GLU A 58 -17.69 -22.60 -24.15
C GLU A 58 -18.67 -22.29 -25.27
N GLU A 59 -19.94 -22.69 -25.15
CA GLU A 59 -20.91 -22.27 -26.17
C GLU A 59 -21.00 -20.75 -26.26
N GLN A 60 -21.09 -20.08 -25.11
CA GLN A 60 -21.19 -18.62 -25.08
C GLN A 60 -19.90 -17.93 -25.48
N VAL A 61 -18.77 -18.44 -25.01
CA VAL A 61 -17.47 -17.84 -25.35
C VAL A 61 -17.21 -17.96 -26.85
N GLY A 62 -17.52 -19.13 -27.42
CA GLY A 62 -17.35 -19.35 -28.85
C GLY A 62 -18.25 -18.45 -29.67
N LEU A 63 -19.50 -18.26 -29.23
CA LEU A 63 -20.42 -17.37 -29.91
C LEU A 63 -19.94 -15.93 -29.90
N ALA A 64 -19.39 -15.49 -28.76
CA ALA A 64 -18.84 -14.13 -28.66
C ALA A 64 -17.70 -13.93 -29.66
N ILE A 65 -16.75 -14.87 -29.67
CA ILE A 65 -15.61 -14.80 -30.59
C ILE A 65 -16.08 -14.76 -32.04
N ARG A 66 -16.98 -15.68 -32.39
CA ARG A 66 -17.50 -15.72 -33.75
C ARG A 66 -18.27 -14.46 -34.10
N SER A 67 -19.01 -13.87 -33.18
CA SER A 67 -19.74 -12.63 -33.44
C SER A 67 -18.80 -11.46 -33.70
N LYS A 68 -17.69 -11.37 -32.96
CA LYS A 68 -16.74 -10.30 -33.13
C LYS A 68 -15.87 -10.48 -34.38
N ILE A 69 -15.75 -11.69 -34.92
CA ILE A 69 -15.07 -11.90 -36.19
C ILE A 69 -16.05 -11.53 -37.31
N ALA A 70 -17.31 -11.98 -37.19
CA ALA A 70 -18.31 -11.72 -38.23
C ALA A 70 -18.69 -10.26 -38.32
N ASP A 71 -18.54 -9.46 -37.26
CA ASP A 71 -18.86 -8.04 -37.35
C ASP A 71 -17.62 -7.21 -37.70
N GLY A 72 -16.49 -7.84 -37.99
CA GLY A 72 -15.28 -7.18 -38.40
C GLY A 72 -14.43 -6.57 -37.31
N SER A 73 -14.72 -6.83 -36.04
CA SER A 73 -13.93 -6.26 -34.96
C SER A 73 -12.55 -6.89 -34.83
N VAL A 74 -12.42 -8.17 -35.13
CA VAL A 74 -11.14 -8.86 -34.99
C VAL A 74 -11.07 -10.02 -35.98
N LYS A 75 -9.86 -10.44 -36.32
CA LYS A 75 -9.66 -11.59 -37.18
C LYS A 75 -9.34 -12.81 -36.31
N ARG A 76 -9.59 -14.01 -36.78
CA ARG A 76 -9.31 -15.22 -36.01
C ARG A 76 -7.85 -15.34 -35.64
N GLU A 77 -6.93 -14.91 -36.51
CA GLU A 77 -5.50 -14.96 -36.20
C GLU A 77 -5.10 -13.99 -35.11
N ASP A 78 -5.94 -13.03 -34.72
CA ASP A 78 -5.66 -12.07 -33.67
C ASP A 78 -6.48 -12.39 -32.41
N ILE A 79 -6.99 -13.61 -32.33
CA ILE A 79 -7.60 -14.13 -31.12
C ILE A 79 -6.77 -15.36 -30.72
N PHE A 80 -6.38 -15.40 -29.46
CA PHE A 80 -5.64 -16.54 -28.89
C PHE A 80 -6.59 -17.17 -27.87
N TYR A 81 -7.21 -18.31 -28.23
CA TYR A 81 -8.19 -18.95 -27.38
C TYR A 81 -7.63 -20.21 -26.73
N THR A 82 -7.80 -20.31 -25.42
CA THR A 82 -7.34 -21.45 -24.65
C THR A 82 -8.49 -22.29 -24.10
N SER A 83 -8.42 -23.60 -24.26
CA SER A 83 -9.31 -24.52 -23.58
C SER A 83 -8.46 -25.47 -22.74
N LYS A 84 -9.12 -26.27 -21.90
CA LYS A 84 -8.42 -27.16 -20.97
C LYS A 84 -9.16 -28.49 -20.90
N LEU A 85 -8.39 -29.55 -20.83
CA LEU A 85 -8.78 -30.94 -20.71
C LEU A 85 -9.09 -31.26 -19.25
N TRP A 86 -10.35 -31.60 -18.97
CA TRP A 86 -10.72 -31.91 -17.58
C TRP A 86 -10.21 -33.30 -17.21
N SER A 87 -10.12 -33.56 -15.91
CA SER A 87 -9.53 -34.73 -15.31
C SER A 87 -10.25 -36.05 -15.53
N ASN A 88 -11.48 -36.01 -16.02
CA ASN A 88 -12.21 -37.23 -16.36
C ASN A 88 -11.82 -37.70 -17.76
N SER A 89 -10.95 -37.00 -18.47
CA SER A 89 -10.48 -37.34 -19.81
C SER A 89 -8.97 -37.43 -19.95
N HIS A 90 -8.25 -37.75 -18.88
CA HIS A 90 -6.80 -37.92 -18.93
C HIS A 90 -6.38 -39.20 -19.66
N ARG A 91 -7.20 -40.25 -19.68
CA ARG A 91 -6.77 -41.46 -20.41
C ARG A 91 -6.44 -41.06 -21.83
N PRO A 92 -5.33 -41.55 -22.38
CA PRO A 92 -4.91 -41.14 -23.71
C PRO A 92 -5.95 -41.27 -24.79
N GLU A 93 -6.77 -42.31 -24.74
CA GLU A 93 -7.83 -42.52 -25.70
C GLU A 93 -8.97 -41.52 -25.63
N LEU A 94 -9.06 -40.77 -24.54
CA LEU A 94 -10.14 -39.83 -24.30
C LEU A 94 -9.75 -38.37 -24.48
N VAL A 95 -8.48 -38.10 -24.76
CA VAL A 95 -8.01 -36.71 -24.90
C VAL A 95 -8.60 -36.05 -26.13
N ARG A 96 -8.44 -36.68 -27.30
CA ARG A 96 -8.95 -36.11 -28.53
C ARG A 96 -10.46 -35.95 -28.51
N PRO A 97 -11.23 -36.93 -28.05
CA PRO A 97 -12.66 -36.76 -27.90
C PRO A 97 -13.06 -35.55 -27.06
N ALA A 98 -12.34 -35.27 -25.96
CA ALA A 98 -12.63 -34.12 -25.11
C ALA A 98 -12.36 -32.81 -25.83
N LEU A 99 -11.28 -32.75 -26.61
CA LEU A 99 -10.96 -31.56 -27.39
C LEU A 99 -11.99 -31.34 -28.47
N GLU A 100 -12.40 -32.41 -29.16
CA GLU A 100 -13.43 -32.30 -30.20
C GLU A 100 -14.77 -31.80 -29.63
N ARG A 101 -15.10 -32.23 -28.42
CA ARG A 101 -16.34 -31.82 -27.75
C ARG A 101 -16.31 -30.32 -27.45
N SER A 102 -15.17 -29.84 -26.92
CA SER A 102 -14.99 -28.40 -26.71
C SER A 102 -15.12 -27.65 -28.02
N LEU A 103 -14.44 -28.10 -29.06
CA LEU A 103 -14.50 -27.44 -30.38
C LEU A 103 -15.91 -27.40 -30.95
N LYS A 104 -16.69 -28.46 -30.78
CA LYS A 104 -18.08 -28.47 -31.24
C LYS A 104 -18.93 -27.47 -30.46
N ASN A 105 -18.71 -27.35 -29.15
CA ASN A 105 -19.43 -26.35 -28.37
C ASN A 105 -19.05 -24.94 -28.78
N LEU A 106 -17.77 -24.68 -29.06
CA LEU A 106 -17.27 -23.39 -29.48
C LEU A 106 -17.65 -23.01 -30.90
N GLN A 107 -17.82 -24.04 -31.73
CA GLN A 107 -17.96 -23.87 -33.17
C GLN A 107 -16.73 -23.22 -33.79
N LEU A 108 -15.55 -23.59 -33.30
CA LEU A 108 -14.27 -23.14 -33.83
C LEU A 108 -13.54 -24.35 -34.44
N ASP A 109 -12.65 -24.12 -35.39
CA ASP A 109 -11.90 -25.21 -36.02
C ASP A 109 -10.71 -25.69 -35.20
N TYR A 110 -10.16 -24.81 -34.36
CA TYR A 110 -9.02 -25.15 -33.53
C TYR A 110 -8.98 -24.22 -32.32
N VAL A 111 -8.29 -24.70 -31.30
CA VAL A 111 -7.96 -23.82 -30.17
C VAL A 111 -6.50 -23.38 -30.34
N ASP A 112 -6.17 -22.18 -29.89
CA ASP A 112 -4.76 -21.77 -29.94
C ASP A 112 -3.93 -22.53 -28.91
N LEU A 113 -4.55 -22.91 -27.80
CA LEU A 113 -3.82 -23.59 -26.73
C LEU A 113 -4.73 -24.57 -26.02
N TYR A 114 -4.24 -25.78 -25.80
CA TYR A 114 -4.99 -26.79 -25.04
C TYR A 114 -4.11 -27.20 -23.87
N LEU A 115 -4.66 -27.16 -22.66
CA LEU A 115 -3.91 -27.50 -21.47
C LEU A 115 -4.44 -28.72 -20.74
N ILE A 116 -3.57 -29.47 -20.07
CA ILE A 116 -4.00 -30.44 -19.06
C ILE A 116 -4.43 -29.56 -17.88
N HIS A 117 -5.70 -29.56 -17.50
CA HIS A 117 -6.22 -28.62 -16.50
C HIS A 117 -5.65 -28.80 -15.09
N PHE A 118 -5.56 -30.05 -14.66
CA PHE A 118 -5.17 -30.36 -13.28
C PHE A 118 -4.59 -31.76 -13.30
N PRO A 119 -3.49 -32.04 -12.61
CA PRO A 119 -2.77 -33.30 -12.78
C PRO A 119 -3.34 -34.52 -12.10
N VAL A 120 -4.40 -34.39 -11.32
CA VAL A 120 -5.01 -35.55 -10.66
C VAL A 120 -6.13 -36.07 -11.56
N SER A 121 -6.13 -37.36 -11.85
CA SER A 121 -7.11 -37.96 -12.75
C SER A 121 -8.31 -38.54 -12.00
N VAL A 122 -9.49 -38.45 -12.60
CA VAL A 122 -10.71 -39.00 -12.00
C VAL A 122 -11.34 -39.96 -13.02
N LYS A 123 -12.19 -40.87 -12.55
CA LYS A 123 -12.76 -41.86 -13.46
C LYS A 123 -13.53 -41.24 -14.60
N PRO A 124 -13.38 -41.83 -15.78
CA PRO A 124 -14.04 -41.34 -16.98
C PRO A 124 -15.55 -41.54 -16.92
N GLY A 125 -16.25 -40.66 -17.61
CA GLY A 125 -17.71 -40.67 -17.66
C GLY A 125 -18.24 -39.25 -17.73
N GLU A 126 -19.57 -39.08 -17.75
CA GLU A 126 -20.17 -37.76 -17.84
C GLU A 126 -19.99 -36.94 -16.57
N GLU A 127 -19.83 -37.58 -15.40
CA GLU A 127 -19.60 -36.82 -14.17
C GLU A 127 -18.16 -36.26 -14.17
N VAL A 128 -18.12 -34.98 -13.81
CA VAL A 128 -16.80 -34.32 -13.80
C VAL A 128 -16.08 -34.50 -12.48
N ILE A 129 -16.77 -34.79 -11.39
CA ILE A 129 -16.16 -35.12 -10.10
C ILE A 129 -16.94 -36.36 -9.63
N PRO A 130 -16.68 -37.51 -10.22
CA PRO A 130 -17.41 -38.72 -9.87
C PRO A 130 -17.17 -39.12 -8.44
N LYS A 131 -18.22 -39.48 -7.71
CA LYS A 131 -18.14 -39.89 -6.32
C LYS A 131 -18.80 -41.23 -6.04
N ASP A 132 -18.29 -42.03 -5.09
CA ASP A 132 -18.90 -43.32 -4.75
C ASP A 132 -20.08 -43.12 -3.80
N GLU A 133 -20.62 -44.23 -3.29
CA GLU A 133 -21.76 -44.24 -2.40
C GLU A 133 -21.51 -43.60 -1.03
N ASN A 134 -20.27 -43.37 -0.64
CA ASN A 134 -19.93 -42.76 0.64
C ASN A 134 -19.48 -41.33 0.47
N GLY A 135 -19.54 -40.83 -0.78
CA GLY A 135 -19.14 -39.47 -1.10
C GLY A 135 -17.67 -39.33 -1.48
N LYS A 136 -16.97 -40.44 -1.60
CA LYS A 136 -15.55 -40.42 -1.94
C LYS A 136 -15.32 -40.27 -3.44
N ILE A 137 -14.49 -39.27 -3.78
CA ILE A 137 -14.17 -39.07 -5.20
C ILE A 137 -13.51 -40.32 -5.75
N LEU A 138 -13.83 -40.66 -6.98
CA LEU A 138 -13.28 -41.81 -7.68
C LEU A 138 -12.02 -41.45 -8.46
N PHE A 139 -10.85 -41.59 -7.88
CA PHE A 139 -9.60 -41.29 -8.57
C PHE A 139 -9.29 -42.37 -9.59
N ASP A 140 -8.48 -42.02 -10.58
CA ASP A 140 -8.07 -42.95 -11.64
C ASP A 140 -6.55 -42.91 -11.79
N THR A 141 -5.98 -44.05 -12.10
CA THR A 141 -4.53 -44.15 -12.25
C THR A 141 -4.15 -44.04 -13.71
N VAL A 142 -3.60 -42.88 -14.08
CA VAL A 142 -3.22 -42.59 -15.45
C VAL A 142 -1.79 -42.07 -15.50
N ASP A 143 -1.02 -42.54 -16.47
CA ASP A 143 0.34 -42.05 -16.68
C ASP A 143 0.21 -40.75 -17.47
N LEU A 144 0.55 -39.61 -16.85
CA LEU A 144 0.42 -38.32 -17.52
C LEU A 144 1.35 -38.17 -18.71
N CYS A 145 2.42 -38.98 -18.79
CA CYS A 145 3.27 -38.95 -19.99
C CYS A 145 2.49 -39.50 -21.19
N ALA A 146 1.63 -40.50 -20.96
CA ALA A 146 0.75 -41.01 -22.01
C ALA A 146 -0.31 -39.97 -22.39
N THR A 147 -0.86 -39.28 -21.40
CA THR A 147 -1.78 -38.16 -21.67
C THR A 147 -1.08 -37.13 -22.54
N TRP A 148 0.17 -36.81 -22.19
CA TRP A 148 0.94 -35.83 -22.97
C TRP A 148 1.16 -36.23 -24.41
N GLU A 149 1.43 -37.52 -24.65
CA GLU A 149 1.59 -38.01 -26.03
C GLU A 149 0.32 -37.80 -26.83
N ALA A 150 -0.85 -38.01 -26.22
CA ALA A 150 -2.14 -37.76 -26.85
C ALA A 150 -2.33 -36.27 -27.12
N MET A 151 -1.85 -35.38 -26.24
CA MET A 151 -1.86 -33.94 -26.48
C MET A 151 -1.00 -33.61 -27.69
N GLU A 152 0.19 -34.24 -27.79
CA GLU A 152 1.07 -34.02 -28.93
C GLU A 152 0.38 -34.43 -30.23
N LYS A 153 -0.38 -35.52 -30.23
CA LYS A 153 -1.14 -35.92 -31.41
C LYS A 153 -2.19 -34.90 -31.80
N CYS A 154 -2.83 -34.25 -30.81
CA CYS A 154 -3.80 -33.21 -31.10
C CYS A 154 -3.15 -32.01 -31.77
N LYS A 155 -1.93 -31.65 -31.37
CA LYS A 155 -1.17 -30.59 -32.00
C LYS A 155 -0.79 -30.99 -33.43
N ASP A 156 -0.33 -32.23 -33.61
CA ASP A 156 0.01 -32.69 -34.97
C ASP A 156 -1.19 -32.74 -35.88
N ALA A 157 -2.39 -32.98 -35.35
CA ALA A 157 -3.61 -33.00 -36.14
C ALA A 157 -4.11 -31.59 -36.46
N GLY A 158 -3.60 -30.55 -35.84
CA GLY A 158 -4.04 -29.19 -36.08
C GLY A 158 -5.18 -28.72 -35.19
N LEU A 159 -5.67 -29.55 -34.29
CA LEU A 159 -6.78 -29.19 -33.40
C LEU A 159 -6.38 -28.18 -32.34
N ALA A 160 -5.12 -28.21 -31.94
CA ALA A 160 -4.55 -27.27 -30.98
C ALA A 160 -3.26 -26.73 -31.62
N LYS A 161 -3.11 -25.41 -31.68
CA LYS A 161 -1.88 -24.86 -32.26
C LYS A 161 -0.71 -25.12 -31.32
N SER A 162 -0.96 -24.98 -30.01
CA SER A 162 0.03 -25.18 -28.97
C SER A 162 -0.56 -26.00 -27.83
N ILE A 163 0.28 -26.69 -27.07
CA ILE A 163 -0.15 -27.50 -25.94
C ILE A 163 0.68 -27.12 -24.70
N GLY A 164 0.02 -27.16 -23.54
CA GLY A 164 0.68 -26.84 -22.28
C GLY A 164 0.00 -27.53 -21.11
N VAL A 165 0.37 -27.12 -19.91
CA VAL A 165 -0.16 -27.69 -18.69
C VAL A 165 -0.64 -26.59 -17.74
N SER A 166 -1.36 -26.99 -16.69
CA SER A 166 -1.88 -26.09 -15.67
C SER A 166 -1.81 -26.82 -14.33
N ASN A 167 -1.44 -26.07 -13.29
CA ASN A 167 -1.37 -26.64 -11.95
C ASN A 167 -0.33 -27.74 -11.84
N PHE A 168 0.77 -27.66 -12.61
CA PHE A 168 1.87 -28.60 -12.49
C PHE A 168 2.93 -28.03 -11.54
N ASN A 169 3.53 -28.89 -10.74
CA ASN A 169 4.64 -28.50 -9.87
C ASN A 169 5.95 -28.86 -10.57
N HIS A 170 7.06 -28.62 -9.87
CA HIS A 170 8.39 -28.91 -10.42
C HIS A 170 8.55 -30.35 -10.84
N ARG A 171 8.17 -31.30 -9.97
CA ARG A 171 8.32 -32.71 -10.28
C ARG A 171 7.55 -33.09 -11.53
N LEU A 172 6.29 -32.66 -11.64
CA LEU A 172 5.45 -32.99 -12.78
C LEU A 172 5.97 -32.39 -14.07
N LEU A 173 6.48 -31.17 -14.01
CA LEU A 173 7.10 -30.57 -15.20
C LEU A 173 8.31 -31.38 -15.65
N GLU A 174 9.17 -31.74 -14.70
CA GLU A 174 10.34 -32.56 -15.02
C GLU A 174 9.95 -33.90 -15.61
N MET A 175 8.88 -34.51 -15.13
CA MET A 175 8.41 -35.78 -15.67
C MET A 175 8.07 -35.65 -17.14
N ILE A 176 7.39 -34.56 -17.53
CA ILE A 176 7.10 -34.33 -18.95
C ILE A 176 8.37 -34.02 -19.72
N LEU A 177 9.20 -33.11 -19.20
CA LEU A 177 10.42 -32.73 -19.92
C LEU A 177 11.39 -33.88 -20.11
N ASN A 178 11.45 -34.84 -19.19
CA ASN A 178 12.34 -35.98 -19.30
C ASN A 178 11.70 -37.20 -19.95
N LYS A 179 10.48 -37.07 -20.45
CA LYS A 179 9.82 -38.19 -21.09
C LYS A 179 10.61 -38.66 -22.31
N PRO A 180 10.94 -39.94 -22.30
CA PRO A 180 11.63 -40.55 -23.43
C PRO A 180 10.83 -40.34 -24.70
N GLY A 181 11.43 -39.84 -25.78
CA GLY A 181 10.73 -39.62 -27.03
C GLY A 181 9.88 -38.36 -27.06
N LEU A 182 10.02 -37.48 -26.09
CA LEU A 182 9.24 -36.23 -26.06
C LEU A 182 9.30 -35.54 -27.41
N LYS A 183 8.16 -35.10 -27.93
CA LYS A 183 8.14 -34.40 -29.21
C LYS A 183 8.01 -32.89 -29.00
N TYR A 184 7.10 -32.48 -28.12
CA TYR A 184 6.85 -31.07 -27.86
C TYR A 184 6.87 -30.78 -26.36
N LYS A 185 7.67 -29.81 -25.94
CA LYS A 185 7.62 -29.38 -24.54
C LYS A 185 6.30 -28.63 -24.32
N PRO A 186 5.83 -28.56 -23.08
CA PRO A 186 4.68 -27.70 -22.79
C PRO A 186 5.09 -26.25 -23.06
N VAL A 187 4.21 -25.46 -23.66
CA VAL A 187 4.55 -24.05 -23.91
C VAL A 187 4.41 -23.20 -22.64
N CYS A 188 3.57 -23.64 -21.71
CA CYS A 188 3.26 -22.87 -20.53
C CYS A 188 2.84 -23.77 -19.37
N ASN A 189 2.88 -23.17 -18.19
CA ASN A 189 2.30 -23.75 -16.98
C ASN A 189 1.40 -22.66 -16.39
N GLN A 190 0.08 -22.85 -16.46
CA GLN A 190 -0.89 -21.89 -15.93
C GLN A 190 -1.17 -22.18 -14.46
N VAL A 191 -0.75 -21.29 -13.57
CA VAL A 191 -0.86 -21.51 -12.13
C VAL A 191 -1.29 -20.23 -11.44
N GLU A 192 -1.77 -20.39 -10.19
CA GLU A 192 -2.15 -19.23 -9.38
C GLU A 192 -0.90 -18.37 -9.18
N CYS A 193 -1.04 -17.05 -9.36
CA CYS A 193 0.12 -16.18 -9.10
C CYS A 193 -0.33 -14.74 -8.91
N HIS A 194 0.12 -14.15 -7.81
CA HIS A 194 -0.24 -12.77 -7.45
C HIS A 194 0.75 -12.32 -6.41
N PRO A 195 0.74 -11.07 -5.95
CA PRO A 195 1.70 -10.59 -4.97
C PRO A 195 1.70 -11.34 -3.63
N TYR A 196 0.64 -12.03 -3.24
CA TYR A 196 0.68 -12.79 -1.99
C TYR A 196 1.21 -14.21 -2.18
N PHE A 197 1.40 -14.64 -3.43
CA PHE A 197 1.89 -15.98 -3.78
C PHE A 197 2.60 -15.85 -5.12
N ASN A 198 3.80 -15.27 -5.10
CA ASN A 198 4.44 -14.83 -6.35
C ASN A 198 5.18 -15.89 -7.13
N GLN A 199 5.22 -17.13 -6.66
CA GLN A 199 5.77 -18.28 -7.38
C GLN A 199 7.19 -18.12 -7.85
N ARG A 200 8.04 -17.35 -7.18
CA ARG A 200 9.40 -17.12 -7.67
C ARG A 200 10.16 -18.38 -8.06
N LYS A 201 10.18 -19.41 -7.21
CA LYS A 201 10.92 -20.62 -7.52
C LYS A 201 10.40 -21.34 -8.76
N LEU A 202 9.09 -21.54 -8.82
CA LEU A 202 8.49 -22.22 -9.97
C LEU A 202 8.65 -21.39 -11.24
N LEU A 203 8.53 -20.07 -11.13
CA LEU A 203 8.73 -19.15 -12.24
C LEU A 203 10.15 -19.26 -12.79
N ASP A 204 11.15 -19.27 -11.91
CA ASP A 204 12.54 -19.43 -12.36
C ASP A 204 12.76 -20.79 -13.01
N PHE A 205 12.16 -21.85 -12.47
CA PHE A 205 12.32 -23.14 -13.14
C PHE A 205 11.72 -23.08 -14.55
N CYS A 206 10.51 -22.51 -14.68
CA CYS A 206 9.88 -22.36 -15.99
C CYS A 206 10.74 -21.53 -16.93
N LYS A 207 11.27 -20.39 -16.46
CA LYS A 207 12.16 -19.59 -17.29
C LYS A 207 13.36 -20.39 -17.79
N SER A 208 13.97 -21.22 -16.93
CA SER A 208 15.14 -22.02 -17.28
C SER A 208 14.87 -23.02 -18.39
N LYS A 209 13.61 -23.38 -18.63
CA LYS A 209 13.22 -24.30 -19.68
C LYS A 209 12.43 -23.63 -20.80
N ASP A 210 12.38 -22.31 -20.83
CA ASP A 210 11.61 -21.54 -21.81
C ASP A 210 10.13 -21.94 -21.81
N ILE A 211 9.56 -22.14 -20.63
CA ILE A 211 8.15 -22.41 -20.41
C ILE A 211 7.54 -21.10 -19.86
N VAL A 212 6.46 -20.61 -20.44
CA VAL A 212 5.85 -19.38 -19.94
C VAL A 212 4.93 -19.68 -18.75
N LEU A 213 5.05 -18.91 -17.68
CA LEU A 213 4.13 -19.03 -16.56
C LEU A 213 2.94 -18.10 -16.85
N VAL A 214 1.72 -18.65 -16.85
CA VAL A 214 0.49 -17.89 -17.05
C VAL A 214 -0.22 -17.79 -15.70
N ALA A 215 -0.39 -16.57 -15.19
CA ALA A 215 -0.96 -16.36 -13.87
C ALA A 215 -2.48 -16.28 -13.83
N TYR A 216 -3.10 -17.14 -13.02
CA TYR A 216 -4.52 -17.07 -12.75
C TYR A 216 -4.72 -16.54 -11.32
N SER A 217 -5.94 -16.07 -11.06
CA SER A 217 -6.31 -15.45 -9.80
C SER A 217 -5.32 -14.34 -9.44
N ALA A 218 -4.92 -13.59 -10.48
CA ALA A 218 -3.95 -12.52 -10.35
C ALA A 218 -4.50 -11.28 -9.66
N LEU A 219 -5.82 -11.23 -9.53
CA LEU A 219 -6.47 -10.14 -8.81
C LEU A 219 -7.01 -10.62 -7.47
N GLY A 220 -6.63 -11.81 -7.05
CA GLY A 220 -7.06 -12.32 -5.75
C GLY A 220 -8.16 -13.37 -5.82
N SER A 221 -8.53 -13.80 -7.01
CA SER A 221 -9.48 -14.86 -7.24
C SER A 221 -10.95 -14.45 -7.17
N HIS A 222 -11.81 -15.33 -7.66
CA HIS A 222 -13.26 -15.14 -7.58
C HIS A 222 -13.76 -15.26 -6.16
N ARG A 223 -13.01 -15.82 -5.23
CA ARG A 223 -13.39 -16.00 -3.84
C ARG A 223 -14.69 -16.78 -3.68
N GLU A 224 -14.97 -17.72 -4.58
CA GLU A 224 -16.19 -18.50 -4.52
C GLU A 224 -16.10 -19.60 -3.47
N GLU A 225 -17.11 -19.66 -2.61
CA GLU A 225 -17.16 -20.74 -1.60
C GLU A 225 -17.47 -22.03 -2.32
N PRO A 226 -17.34 -23.17 -1.66
CA PRO A 226 -16.22 -23.70 -0.96
C PRO A 226 -14.81 -23.71 -1.51
N TRP A 227 -14.53 -23.22 -2.70
CA TRP A 227 -13.20 -23.26 -3.28
C TRP A 227 -12.18 -22.37 -2.60
N VAL A 228 -12.59 -21.21 -2.11
CA VAL A 228 -11.73 -20.24 -1.46
C VAL A 228 -12.24 -19.94 -0.05
N ASP A 229 -11.37 -19.94 0.94
CA ASP A 229 -11.79 -19.64 2.31
C ASP A 229 -12.11 -18.16 2.45
N PRO A 230 -13.24 -17.79 3.04
CA PRO A 230 -13.64 -16.40 3.18
C PRO A 230 -12.79 -15.57 4.13
N ASN A 231 -11.99 -16.26 4.95
CA ASN A 231 -11.06 -15.64 5.87
C ASN A 231 -9.71 -15.35 5.24
N SER A 232 -9.48 -15.78 3.99
CA SER A 232 -8.21 -15.44 3.32
C SER A 232 -8.21 -13.93 3.12
N PRO A 233 -7.04 -13.30 3.13
CA PRO A 233 -6.97 -11.85 2.96
C PRO A 233 -7.42 -11.45 1.56
N VAL A 234 -8.01 -10.27 1.44
CA VAL A 234 -8.47 -9.74 0.17
C VAL A 234 -7.30 -9.02 -0.49
N LEU A 235 -6.74 -9.61 -1.55
CA LEU A 235 -5.57 -9.10 -2.22
C LEU A 235 -5.65 -7.61 -2.54
N LEU A 236 -6.76 -7.18 -3.15
CA LEU A 236 -6.84 -5.79 -3.60
C LEU A 236 -7.06 -4.76 -2.51
N GLU A 237 -7.20 -5.17 -1.26
CA GLU A 237 -7.21 -4.27 -0.13
C GLU A 237 -5.80 -4.08 0.43
N ASP A 238 -4.78 -4.70 -0.17
CA ASP A 238 -3.41 -4.59 0.34
C ASP A 238 -2.98 -3.13 0.41
N PRO A 239 -2.41 -2.70 1.53
CA PRO A 239 -2.00 -1.30 1.66
C PRO A 239 -0.91 -0.85 0.70
N VAL A 240 0.06 -1.70 0.38
CA VAL A 240 1.13 -1.35 -0.56
C VAL A 240 0.57 -1.20 -1.97
N LEU A 241 -0.28 -2.14 -2.41
CA LEU A 241 -0.90 -2.01 -3.73
C LEU A 241 -1.75 -0.75 -3.78
N CYS A 242 -2.51 -0.47 -2.72
CA CYS A 242 -3.36 0.72 -2.69
C CYS A 242 -2.56 2.02 -2.67
N ALA A 243 -1.41 2.03 -1.98
CA ALA A 243 -0.57 3.22 -1.95
C ALA A 243 0.08 3.47 -3.30
N LEU A 244 0.53 2.42 -3.99
CA LEU A 244 1.09 2.56 -5.33
C LEU A 244 0.01 3.04 -6.30
N ALA A 245 -1.20 2.50 -6.19
CA ALA A 245 -2.31 2.92 -7.02
C ALA A 245 -2.61 4.40 -6.85
N LYS A 246 -2.66 4.84 -5.59
CA LYS A 246 -2.92 6.25 -5.31
C LYS A 246 -1.83 7.16 -5.83
N LYS A 247 -0.56 6.80 -5.67
CA LYS A 247 0.54 7.59 -6.21
C LYS A 247 0.41 7.77 -7.73
N HIS A 248 0.05 6.72 -8.44
CA HIS A 248 -0.03 6.74 -9.89
C HIS A 248 -1.40 7.09 -10.44
N LYS A 249 -2.39 7.31 -9.60
CA LYS A 249 -3.75 7.57 -10.05
C LYS A 249 -4.28 6.40 -10.88
N ARG A 250 -3.95 5.20 -10.43
CA ARG A 250 -4.40 3.95 -11.03
C ARG A 250 -5.23 3.22 -9.98
N THR A 251 -5.30 1.90 -10.02
CA THR A 251 -6.09 1.10 -9.09
C THR A 251 -5.23 -0.06 -8.63
N PRO A 252 -5.53 -0.66 -7.49
CA PRO A 252 -4.74 -1.80 -7.02
C PRO A 252 -4.74 -2.94 -8.03
N ALA A 253 -5.84 -3.18 -8.75
CA ALA A 253 -5.84 -4.23 -9.77
C ALA A 253 -4.80 -3.94 -10.84
N LEU A 254 -4.72 -2.71 -11.33
CA LEU A 254 -3.74 -2.38 -12.36
C LEU A 254 -2.32 -2.58 -11.88
N ILE A 255 -2.02 -2.25 -10.61
CA ILE A 255 -0.68 -2.49 -10.06
C ILE A 255 -0.39 -3.99 -10.07
N ALA A 256 -1.32 -4.81 -9.63
CA ALA A 256 -1.13 -6.26 -9.59
C ALA A 256 -0.93 -6.83 -10.98
N LEU A 257 -1.64 -6.35 -12.00
CA LEU A 257 -1.43 -6.87 -13.36
C LEU A 257 -0.09 -6.44 -13.92
N ARG A 258 0.31 -5.18 -13.72
CA ARG A 258 1.56 -4.68 -14.26
C ARG A 258 2.76 -5.39 -13.64
N TYR A 259 2.67 -5.72 -12.36
CA TYR A 259 3.73 -6.48 -11.67
C TYR A 259 4.05 -7.75 -12.46
N GLN A 260 3.00 -8.49 -12.84
CA GLN A 260 3.26 -9.73 -13.56
C GLN A 260 3.90 -9.49 -14.91
N LEU A 261 3.42 -8.50 -15.67
CA LEU A 261 4.03 -8.25 -16.97
C LEU A 261 5.52 -7.99 -16.86
N GLN A 262 5.95 -7.19 -15.88
CA GLN A 262 7.35 -6.83 -15.78
C GLN A 262 8.24 -7.90 -15.22
N ARG A 263 7.72 -9.02 -14.73
CA ARG A 263 8.55 -10.11 -14.26
C ARG A 263 8.47 -11.27 -15.26
N GLY A 264 7.96 -11.00 -16.46
CA GLY A 264 7.94 -11.98 -17.53
C GLY A 264 6.82 -12.98 -17.51
N VAL A 265 5.76 -12.73 -16.77
CA VAL A 265 4.58 -13.58 -16.63
C VAL A 265 3.47 -13.10 -17.55
N VAL A 266 2.72 -14.01 -18.15
CA VAL A 266 1.51 -13.69 -18.92
C VAL A 266 0.36 -13.70 -17.91
N VAL A 267 -0.42 -12.63 -17.84
CA VAL A 267 -1.42 -12.51 -16.78
C VAL A 267 -2.85 -12.53 -17.26
N LEU A 268 -3.70 -13.27 -16.55
CA LEU A 268 -5.13 -13.30 -16.83
C LEU A 268 -5.85 -12.33 -15.90
N ALA A 269 -7.03 -11.89 -16.32
CA ALA A 269 -7.86 -11.01 -15.50
C ALA A 269 -9.34 -11.26 -15.86
N LYS A 270 -10.15 -11.73 -14.90
CA LYS A 270 -11.57 -11.91 -15.18
C LYS A 270 -12.34 -10.68 -14.72
N SER A 271 -13.25 -10.22 -15.58
CA SER A 271 -14.21 -9.20 -15.20
C SER A 271 -15.46 -9.33 -16.09
N TYR A 272 -16.65 -9.24 -15.50
CA TYR A 272 -17.88 -9.26 -16.27
C TYR A 272 -18.48 -7.85 -16.25
N ASN A 273 -17.73 -6.88 -15.79
CA ASN A 273 -18.19 -5.49 -15.68
C ASN A 273 -17.57 -4.65 -16.79
N GLU A 274 -18.38 -3.94 -17.57
CA GLU A 274 -17.88 -3.16 -18.68
C GLU A 274 -16.74 -2.21 -18.30
N GLN A 275 -16.88 -1.40 -17.24
CA GLN A 275 -15.80 -0.48 -16.94
C GLN A 275 -14.55 -1.18 -16.40
N ARG A 276 -14.69 -2.24 -15.63
CA ARG A 276 -13.46 -2.89 -15.14
C ARG A 276 -12.75 -3.61 -16.28
N ILE A 277 -13.48 -4.11 -17.26
CA ILE A 277 -12.86 -4.74 -18.43
C ILE A 277 -12.00 -3.72 -19.15
N ARG A 278 -12.56 -2.53 -19.37
CA ARG A 278 -11.85 -1.44 -20.04
C ARG A 278 -10.69 -0.95 -19.20
N GLN A 279 -10.86 -0.89 -17.88
CA GLN A 279 -9.80 -0.49 -16.98
C GLN A 279 -8.60 -1.41 -17.08
N ASN A 280 -8.84 -2.73 -17.09
CA ASN A 280 -7.77 -3.71 -17.05
C ASN A 280 -6.82 -3.63 -18.23
N VAL A 281 -7.31 -3.20 -19.40
CA VAL A 281 -6.45 -3.05 -20.57
C VAL A 281 -5.51 -1.87 -20.43
N GLN A 282 -5.72 -0.99 -19.44
CA GLN A 282 -4.84 0.12 -19.16
C GLN A 282 -3.51 -0.30 -18.55
N VAL A 283 -3.26 -1.59 -18.35
CA VAL A 283 -1.99 -2.10 -17.88
C VAL A 283 -0.85 -1.76 -18.85
N PHE A 284 -1.15 -1.49 -20.13
CA PHE A 284 -0.15 -1.12 -21.10
C PHE A 284 0.14 0.38 -21.15
N GLU A 285 -0.43 1.17 -20.26
CA GLU A 285 -0.31 2.61 -20.26
C GLU A 285 0.66 3.18 -19.25
N PHE A 286 1.31 2.37 -18.44
CA PHE A 286 2.25 2.84 -17.43
C PHE A 286 3.25 1.75 -17.11
N GLN A 287 4.33 2.08 -16.43
CA GLN A 287 5.38 1.15 -16.04
C GLN A 287 5.74 1.31 -14.57
N LEU A 288 6.16 0.25 -13.92
CA LEU A 288 6.61 0.28 -12.53
C LEU A 288 8.13 0.38 -12.46
N THR A 289 8.67 1.12 -11.49
CA THR A 289 10.12 1.20 -11.35
C THR A 289 10.66 -0.04 -10.65
N SER A 290 11.99 -0.20 -10.63
CA SER A 290 12.60 -1.33 -9.92
C SER A 290 12.31 -1.30 -8.42
N GLU A 291 12.24 -0.13 -7.80
CA GLU A 291 11.90 -0.04 -6.39
C GLU A 291 10.45 -0.47 -6.16
N GLU A 292 9.55 -0.10 -7.06
CA GLU A 292 8.15 -0.50 -6.92
C GLU A 292 8.02 -2.02 -7.07
N MET A 293 8.76 -2.59 -8.04
CA MET A 293 8.72 -4.05 -8.19
C MET A 293 9.21 -4.74 -6.93
N LYS A 294 10.29 -4.21 -6.32
CA LYS A 294 10.79 -4.78 -5.08
C LYS A 294 9.81 -4.67 -3.92
N ALA A 295 9.10 -3.55 -3.84
CA ALA A 295 8.07 -3.40 -2.82
C ALA A 295 6.98 -4.47 -2.98
N ILE A 296 6.57 -4.72 -4.21
CA ILE A 296 5.54 -5.73 -4.49
C ILE A 296 6.08 -7.13 -4.22
N ASP A 297 7.35 -7.41 -4.56
CA ASP A 297 7.98 -8.68 -4.22
C ASP A 297 7.94 -8.93 -2.71
N GLY A 298 8.05 -7.89 -1.90
CA GLY A 298 8.01 -7.98 -0.46
C GLY A 298 6.67 -8.41 0.13
N LEU A 299 5.58 -8.40 -0.64
CA LEU A 299 4.27 -8.81 -0.17
C LEU A 299 4.12 -10.32 -0.11
N ASN A 300 5.01 -11.08 -0.72
CA ASN A 300 4.91 -12.54 -0.78
C ASN A 300 4.62 -13.11 0.59
N ARG A 301 3.55 -13.92 0.74
CA ARG A 301 3.20 -14.37 2.09
C ARG A 301 2.54 -15.73 2.13
N ASN A 302 2.78 -16.58 1.14
CA ASN A 302 2.28 -17.96 1.15
C ASN A 302 0.77 -18.08 1.19
N VAL A 303 0.01 -17.21 0.53
CA VAL A 303 -1.43 -17.29 0.47
C VAL A 303 -1.86 -17.91 -0.86
N ARG A 304 -2.23 -19.19 -0.80
CA ARG A 304 -2.76 -19.88 -1.97
C ARG A 304 -4.28 -19.89 -1.84
N TYR A 305 -5.01 -19.15 -2.67
CA TYR A 305 -6.45 -19.09 -2.59
C TYR A 305 -7.09 -20.40 -3.02
N LEU A 306 -6.60 -21.02 -4.08
CA LEU A 306 -7.18 -22.21 -4.68
C LEU A 306 -6.36 -23.45 -4.43
N THR A 307 -6.75 -24.23 -3.42
CA THR A 307 -6.00 -25.44 -3.12
C THR A 307 -6.51 -26.64 -3.87
N LEU A 308 -7.78 -26.62 -4.28
CA LEU A 308 -8.41 -27.78 -4.92
C LEU A 308 -8.12 -29.04 -4.10
N ASP A 309 -8.26 -28.96 -2.77
CA ASP A 309 -7.88 -30.03 -1.87
C ASP A 309 -8.86 -31.19 -1.81
N ILE A 310 -9.97 -31.11 -2.53
CA ILE A 310 -10.83 -32.28 -2.70
C ILE A 310 -10.10 -33.31 -3.56
N PHE A 311 -9.07 -32.94 -4.31
CA PHE A 311 -8.25 -33.82 -5.11
C PHE A 311 -6.95 -34.24 -4.45
N ALA A 312 -6.75 -33.92 -3.17
CA ALA A 312 -5.53 -34.32 -2.47
C ALA A 312 -5.53 -35.80 -2.14
N GLY A 313 -4.35 -36.41 -2.10
CA GLY A 313 -4.22 -37.85 -1.83
C GLY A 313 -3.26 -38.50 -2.81
N PRO A 314 -3.66 -38.57 -4.07
CA PRO A 314 -2.80 -39.16 -5.10
C PRO A 314 -1.46 -38.48 -5.19
N PRO A 315 -0.39 -39.16 -5.62
CA PRO A 315 0.92 -38.54 -5.74
C PRO A 315 0.95 -37.37 -6.71
N ASN A 316 0.08 -37.33 -7.72
CA ASN A 316 0.07 -36.20 -8.64
C ASN A 316 -0.60 -34.96 -8.07
N TYR A 317 -1.22 -35.00 -6.89
CA TYR A 317 -1.75 -33.74 -6.32
C TYR A 317 -0.55 -32.80 -6.21
N PRO A 318 -0.65 -31.60 -6.78
CA PRO A 318 0.53 -30.79 -6.99
C PRO A 318 0.97 -29.86 -5.88
N PHE A 319 0.13 -29.63 -4.88
CA PHE A 319 0.47 -28.57 -3.92
C PHE A 319 1.05 -29.04 -2.60
N SER A 320 1.39 -30.31 -2.47
CA SER A 320 2.05 -30.72 -1.22
C SER A 320 3.55 -30.46 -1.27
N ASP A 321 4.18 -30.56 -2.44
CA ASP A 321 5.61 -30.27 -2.57
C ASP A 321 5.86 -28.78 -2.33
N GLU A 322 7.10 -28.44 -2.02
CA GLU A 322 7.48 -27.05 -1.81
C GLU A 322 7.11 -26.18 -3.02
N TYR A 323 7.47 -26.66 -4.21
CA TYR A 323 7.11 -26.02 -5.46
C TYR A 323 7.20 -27.07 -6.57
N ASP B 1 17.16 43.44 11.28
CA ASP B 1 17.69 42.35 10.42
C ASP B 1 16.85 41.08 10.44
N ASP B 2 16.35 40.75 9.25
CA ASP B 2 15.56 39.57 9.06
C ASP B 2 16.22 38.31 8.52
N SER B 3 17.44 38.26 8.02
CA SER B 3 17.81 36.92 7.48
C SER B 3 18.44 36.10 8.59
N LYS B 4 18.52 36.65 9.80
CA LYS B 4 18.96 35.97 11.01
C LYS B 4 17.82 35.83 12.02
N TYR B 5 17.83 34.72 12.77
CA TYR B 5 16.79 34.37 13.72
C TYR B 5 17.35 33.38 14.75
N GLN B 6 16.79 33.34 15.94
CA GLN B 6 17.25 32.43 16.98
C GLN B 6 16.94 30.98 16.65
N CYS B 7 17.96 30.13 16.73
CA CYS B 7 17.87 28.71 16.43
C CYS B 7 18.65 27.86 17.42
N VAL B 8 18.49 26.55 17.34
CA VAL B 8 19.20 25.59 18.17
C VAL B 8 19.84 24.54 17.26
N LYS B 9 21.07 24.16 17.58
CA LYS B 9 21.76 23.14 16.80
C LYS B 9 21.28 21.74 17.17
N LEU B 10 20.70 21.03 16.22
CA LEU B 10 20.22 19.68 16.43
C LEU B 10 21.37 18.70 16.46
N ASN B 11 21.10 17.47 16.96
CA ASN B 11 22.14 16.44 17.08
C ASN B 11 22.56 15.85 15.74
N ASP B 12 21.98 16.24 14.61
CA ASP B 12 22.43 15.81 13.29
C ASP B 12 23.11 16.95 12.55
N GLY B 13 23.34 18.08 13.24
CA GLY B 13 24.04 19.21 12.62
C GLY B 13 23.14 20.25 12.01
N HIS B 14 21.85 20.00 11.79
CA HIS B 14 20.93 20.99 11.25
C HIS B 14 20.49 21.95 12.35
N PHE B 15 20.00 23.12 11.99
CA PHE B 15 19.54 24.14 12.92
C PHE B 15 18.04 24.37 12.84
N MET B 16 17.38 24.39 13.99
CA MET B 16 15.93 24.57 14.10
C MET B 16 15.57 25.91 14.71
N PRO B 17 14.73 26.73 14.09
CA PRO B 17 14.32 27.99 14.71
C PRO B 17 13.58 27.71 16.01
N VAL B 18 13.82 28.50 17.05
CA VAL B 18 13.25 28.21 18.37
C VAL B 18 11.79 28.59 18.56
N LEU B 19 11.22 29.39 17.67
CA LEU B 19 9.80 29.73 17.71
C LEU B 19 9.13 29.12 16.47
N GLY B 20 8.13 28.27 16.66
CA GLY B 20 7.46 27.67 15.51
C GLY B 20 5.99 28.06 15.44
N PHE B 21 5.50 28.10 14.21
CA PHE B 21 4.10 28.45 13.94
C PHE B 21 3.22 27.21 13.87
N GLY B 22 2.24 27.10 14.75
CA GLY B 22 1.33 25.94 14.74
C GLY B 22 0.21 26.20 13.71
N THR B 23 -0.15 25.13 13.00
CA THR B 23 -1.12 25.27 11.92
C THR B 23 -2.41 24.49 12.10
N TYR B 24 -2.59 23.72 13.16
CA TYR B 24 -3.84 22.98 13.29
C TYR B 24 -5.00 23.89 13.69
N ALA B 25 -6.17 23.62 13.13
CA ALA B 25 -7.39 24.34 13.51
C ALA B 25 -8.55 23.36 13.36
N PRO B 26 -9.59 23.47 14.18
CA PRO B 26 -10.76 22.61 14.06
C PRO B 26 -11.31 22.59 12.65
N ALA B 27 -12.00 21.52 12.23
CA ALA B 27 -12.56 21.39 10.89
C ALA B 27 -13.62 22.42 10.54
N GLU B 28 -14.26 23.06 11.51
CA GLU B 28 -15.21 24.12 11.34
C GLU B 28 -14.56 25.29 10.56
N VAL B 29 -13.28 25.48 10.85
CA VAL B 29 -12.53 26.58 10.27
C VAL B 29 -12.11 26.25 8.84
N PRO B 30 -12.53 27.10 7.90
CA PRO B 30 -12.18 26.94 6.50
C PRO B 30 -10.68 26.91 6.33
N LYS B 31 -10.22 26.11 5.38
CA LYS B 31 -8.81 25.97 5.06
C LYS B 31 -8.18 27.22 4.48
N SER B 32 -8.99 28.13 3.96
CA SER B 32 -8.54 29.42 3.46
C SER B 32 -7.84 30.20 4.57
N LYS B 33 -8.32 30.02 5.80
CA LYS B 33 -7.70 30.65 6.96
C LYS B 33 -6.31 30.09 7.21
N ALA B 34 -6.05 28.81 6.93
CA ALA B 34 -4.72 28.24 7.12
C ALA B 34 -3.72 28.81 6.11
N LEU B 35 -4.12 28.94 4.84
CA LEU B 35 -3.27 29.54 3.82
C LEU B 35 -2.89 30.96 4.23
N GLU B 36 -3.90 31.73 4.59
CA GLU B 36 -3.60 33.12 4.96
C GLU B 36 -2.81 33.24 6.25
N ALA B 37 -3.12 32.41 7.24
CA ALA B 37 -2.36 32.48 8.51
C ALA B 37 -0.89 32.17 8.30
N VAL B 38 -0.55 31.17 7.51
CA VAL B 38 0.86 30.84 7.25
C VAL B 38 1.56 31.98 6.52
N LYS B 39 0.86 32.59 5.55
CA LYS B 39 1.45 33.77 4.89
C LYS B 39 1.71 34.88 5.88
N LEU B 40 0.75 35.16 6.78
CA LEU B 40 0.91 36.18 7.80
C LEU B 40 2.04 35.84 8.77
N ALA B 41 2.16 34.56 9.15
CA ALA B 41 3.22 34.15 10.06
C ALA B 41 4.59 34.38 9.45
N ILE B 42 4.78 34.01 8.18
CA ILE B 42 6.05 34.22 7.50
C ILE B 42 6.36 35.70 7.41
N GLU B 43 5.36 36.53 7.08
CA GLU B 43 5.53 37.98 7.03
C GLU B 43 5.94 38.55 8.38
N ALA B 44 5.36 38.03 9.46
CA ALA B 44 5.67 38.50 10.80
C ALA B 44 7.04 38.09 11.29
N GLY B 45 7.69 37.09 10.68
CA GLY B 45 9.02 36.68 11.11
C GLY B 45 9.14 35.25 11.61
N PHE B 46 8.10 34.44 11.49
CA PHE B 46 8.21 33.03 11.84
C PHE B 46 9.02 32.34 10.73
N HIS B 47 9.95 31.46 11.10
CA HIS B 47 10.77 30.72 10.18
C HIS B 47 10.57 29.21 10.31
N HIS B 48 9.84 28.74 11.28
CA HIS B 48 9.55 27.34 11.56
C HIS B 48 8.04 27.20 11.50
N ILE B 49 7.58 26.25 10.68
CA ILE B 49 6.15 26.01 10.46
C ILE B 49 5.88 24.54 10.74
N ASP B 50 4.90 24.26 11.61
CA ASP B 50 4.57 22.90 12.02
C ASP B 50 3.24 22.44 11.50
N SER B 51 3.24 21.32 10.76
CA SER B 51 2.00 20.73 10.29
C SER B 51 2.12 19.20 10.39
N ALA B 52 1.23 18.50 9.72
CA ALA B 52 1.10 17.05 9.82
C ALA B 52 0.11 16.60 8.75
N HIS B 53 0.23 15.35 8.33
CA HIS B 53 -0.76 14.83 7.38
C HIS B 53 -2.16 14.88 7.95
N VAL B 54 -2.35 14.49 9.21
CA VAL B 54 -3.69 14.43 9.81
C VAL B 54 -4.37 15.76 10.03
N TYR B 55 -3.69 16.91 9.91
CA TYR B 55 -4.32 18.21 10.03
C TYR B 55 -5.13 18.58 8.79
N ASN B 56 -4.94 17.85 7.69
CA ASN B 56 -5.69 18.10 6.46
C ASN B 56 -5.52 19.53 5.97
N ASN B 57 -4.28 20.04 5.99
CA ASN B 57 -4.01 21.39 5.53
C ASN B 57 -2.70 21.49 4.76
N GLU B 58 -2.00 20.40 4.45
CA GLU B 58 -0.68 20.50 3.81
C GLU B 58 -0.73 21.14 2.44
N GLU B 59 -1.81 20.96 1.69
CA GLU B 59 -1.94 21.66 0.41
C GLU B 59 -1.86 23.17 0.63
N GLN B 60 -2.62 23.67 1.59
CA GLN B 60 -2.68 25.09 1.89
C GLN B 60 -1.38 25.60 2.50
N VAL B 61 -0.81 24.85 3.44
CA VAL B 61 0.44 25.27 4.09
C VAL B 61 1.59 25.33 3.09
N GLY B 62 1.68 24.30 2.23
CA GLY B 62 2.72 24.27 1.22
C GLY B 62 2.58 25.43 0.24
N LEU B 63 1.35 25.73 -0.16
CA LEU B 63 1.08 26.84 -1.08
C LEU B 63 1.48 28.18 -0.47
N ALA B 64 1.20 28.37 0.82
CA ALA B 64 1.59 29.60 1.50
C ALA B 64 3.10 29.76 1.47
N ILE B 65 3.85 28.70 1.80
CA ILE B 65 5.31 28.72 1.79
C ILE B 65 5.82 29.07 0.39
N ARG B 66 5.29 28.38 -0.63
CA ARG B 66 5.72 28.63 -2.00
C ARG B 66 5.40 30.04 -2.46
N SER B 67 4.27 30.60 -2.05
CA SER B 67 3.87 31.95 -2.40
C SER B 67 4.83 32.97 -1.81
N LYS B 68 5.26 32.75 -0.57
CA LYS B 68 6.19 33.66 0.10
C LYS B 68 7.62 33.51 -0.42
N ILE B 69 7.99 32.36 -0.97
CA ILE B 69 9.30 32.20 -1.59
C ILE B 69 9.28 32.89 -2.96
N ALA B 70 8.19 32.70 -3.71
CA ALA B 70 8.07 33.28 -5.04
C ALA B 70 8.00 34.80 -5.02
N ASP B 71 7.45 35.42 -3.98
CA ASP B 71 7.37 36.89 -3.93
C ASP B 71 8.61 37.51 -3.30
N GLY B 72 9.63 36.72 -2.97
CA GLY B 72 10.87 37.19 -2.40
C GLY B 72 10.89 37.46 -0.92
N SER B 73 9.84 37.12 -0.19
CA SER B 73 9.77 37.37 1.24
C SER B 73 10.73 36.47 2.04
N VAL B 74 10.96 35.26 1.57
CA VAL B 74 11.83 34.32 2.27
C VAL B 74 12.45 33.35 1.27
N LYS B 75 13.58 32.76 1.65
CA LYS B 75 14.21 31.73 0.84
C LYS B 75 13.91 30.35 1.43
N ARG B 76 13.94 29.29 0.63
CA ARG B 76 13.63 27.96 1.14
C ARG B 76 14.54 27.54 2.28
N GLU B 77 15.81 27.91 2.25
CA GLU B 77 16.78 27.57 3.27
C GLU B 77 16.49 28.30 4.57
N ASP B 78 15.64 29.31 4.59
CA ASP B 78 15.27 30.04 5.79
C ASP B 78 13.85 29.67 6.26
N ILE B 79 13.31 28.59 5.73
CA ILE B 79 12.05 28.03 6.21
C ILE B 79 12.37 26.64 6.77
N PHE B 80 11.91 26.34 7.97
CA PHE B 80 12.06 25.03 8.58
C PHE B 80 10.64 24.43 8.67
N TYR B 81 10.30 23.52 7.79
CA TYR B 81 8.98 22.93 7.73
C TYR B 81 8.96 21.51 8.29
N THR B 82 8.03 21.25 9.21
CA THR B 82 7.84 19.95 9.80
C THR B 82 6.54 19.29 9.34
N SER B 83 6.63 18.02 8.98
CA SER B 83 5.47 17.18 8.76
C SER B 83 5.57 15.99 9.72
N LYS B 84 4.47 15.23 9.79
CA LYS B 84 4.41 14.10 10.72
C LYS B 84 3.69 12.91 10.06
N LEU B 85 4.21 11.74 10.34
CA LEU B 85 3.72 10.45 9.89
C LEU B 85 2.55 10.02 10.77
N TRP B 86 1.36 9.90 10.21
CA TRP B 86 0.20 9.50 11.01
C TRP B 86 0.25 8.01 11.28
N SER B 87 -0.47 7.60 12.31
CA SER B 87 -0.49 6.25 12.85
C SER B 87 -1.05 5.15 11.97
N ASN B 88 -1.68 5.51 10.86
CA ASN B 88 -2.13 4.53 9.89
C ASN B 88 -0.99 4.15 8.93
N SER B 89 0.18 4.75 9.06
CA SER B 89 1.34 4.47 8.21
C SER B 89 2.61 4.10 8.95
N HIS B 90 2.48 3.50 10.14
CA HIS B 90 3.65 3.04 10.88
C HIS B 90 4.35 1.85 10.26
N ARG B 91 3.64 0.99 9.52
CA ARG B 91 4.35 -0.18 8.94
C ARG B 91 5.51 0.34 8.11
N PRO B 92 6.69 -0.26 8.20
CA PRO B 92 7.87 0.22 7.50
C PRO B 92 7.67 0.44 6.01
N GLU B 93 6.97 -0.46 5.33
CA GLU B 93 6.71 -0.32 3.91
C GLU B 93 5.75 0.80 3.56
N LEU B 94 5.09 1.42 4.53
CA LEU B 94 4.15 2.50 4.30
C LEU B 94 4.66 3.89 4.70
N VAL B 95 5.85 3.94 5.29
CA VAL B 95 6.42 5.19 5.77
C VAL B 95 6.81 6.13 4.64
N ARG B 96 7.64 5.66 3.69
CA ARG B 96 8.03 6.49 2.56
C ARG B 96 6.84 6.87 1.70
N PRO B 97 5.90 5.97 1.41
CA PRO B 97 4.69 6.37 0.70
C PRO B 97 3.95 7.51 1.39
N ALA B 98 3.85 7.49 2.73
CA ALA B 98 3.17 8.58 3.44
C ALA B 98 3.93 9.89 3.31
N LEU B 99 5.26 9.84 3.39
CA LEU B 99 6.07 11.05 3.25
C LEU B 99 5.92 11.62 1.84
N GLU B 100 5.97 10.75 0.83
CA GLU B 100 5.79 11.18 -0.57
C GLU B 100 4.41 11.79 -0.80
N ARG B 101 3.38 11.26 -0.17
CA ARG B 101 2.02 11.83 -0.31
C ARG B 101 1.98 13.22 0.29
N SER B 102 2.58 13.41 1.48
CA SER B 102 2.67 14.75 2.08
C SER B 102 3.43 15.69 1.15
N LEU B 103 4.59 15.28 0.64
CA LEU B 103 5.36 16.12 -0.26
C LEU B 103 4.62 16.50 -1.54
N LYS B 104 3.83 15.56 -2.08
CA LYS B 104 3.02 15.87 -3.26
C LYS B 104 1.95 16.89 -2.93
N ASN B 105 1.33 16.81 -1.76
CA ASN B 105 0.33 17.82 -1.35
C ASN B 105 1.01 19.17 -1.15
N LEU B 106 2.21 19.18 -0.56
CA LEU B 106 2.92 20.43 -0.30
C LEU B 106 3.50 21.04 -1.57
N GLN B 107 3.84 20.19 -2.55
CA GLN B 107 4.60 20.58 -3.73
C GLN B 107 5.99 21.07 -3.34
N LEU B 108 6.59 20.47 -2.32
CA LEU B 108 7.96 20.74 -1.89
C LEU B 108 8.81 19.51 -2.14
N ASP B 109 10.11 19.70 -2.37
CA ASP B 109 11.03 18.61 -2.60
C ASP B 109 11.41 17.83 -1.34
N TYR B 110 11.38 18.49 -0.18
CA TYR B 110 11.70 17.83 1.07
C TYR B 110 11.07 18.57 2.24
N VAL B 111 10.99 17.86 3.36
CA VAL B 111 10.59 18.51 4.61
C VAL B 111 11.88 18.71 5.41
N ASP B 112 11.92 19.73 6.25
CA ASP B 112 13.09 19.92 7.10
C ASP B 112 13.07 18.91 8.25
N LEU B 113 11.89 18.47 8.65
CA LEU B 113 11.77 17.54 9.78
C LEU B 113 10.56 16.65 9.55
N TYR B 114 10.75 15.35 9.78
CA TYR B 114 9.64 14.40 9.68
C TYR B 114 9.57 13.66 11.03
N LEU B 115 8.41 13.64 11.66
CA LEU B 115 8.22 13.00 12.94
C LEU B 115 7.28 11.80 12.91
N ILE B 116 7.55 10.83 13.79
CA ILE B 116 6.51 9.82 14.10
C ILE B 116 5.52 10.60 14.96
N HIS B 117 4.29 10.80 14.51
CA HIS B 117 3.32 11.65 15.20
C HIS B 117 2.86 11.15 16.56
N PHE B 118 2.53 9.88 16.66
CA PHE B 118 1.98 9.31 17.90
C PHE B 118 2.34 7.83 17.92
N PRO B 119 2.78 7.27 19.04
CA PRO B 119 3.34 5.94 19.06
C PRO B 119 2.39 4.75 18.98
N VAL B 120 1.09 4.98 19.05
CA VAL B 120 0.13 3.88 18.93
C VAL B 120 -0.23 3.75 17.45
N SER B 121 -0.19 2.53 16.93
CA SER B 121 -0.48 2.25 15.53
C SER B 121 -1.93 1.87 15.28
N VAL B 122 -2.46 2.30 14.14
CA VAL B 122 -3.83 1.96 13.73
C VAL B 122 -3.78 1.31 12.34
N LYS B 123 -4.79 0.50 12.00
CA LYS B 123 -4.74 -0.22 10.72
C LYS B 123 -4.67 0.75 9.54
N PRO B 124 -3.88 0.36 8.52
CA PRO B 124 -3.69 1.11 7.31
C PRO B 124 -4.96 1.28 6.49
N GLY B 125 -5.04 2.39 5.76
CA GLY B 125 -6.17 2.66 4.90
C GLY B 125 -6.41 4.15 4.85
N GLU B 126 -7.44 4.58 4.13
CA GLU B 126 -7.77 5.97 3.99
C GLU B 126 -8.32 6.58 5.26
N GLU B 127 -8.93 5.76 6.11
CA GLU B 127 -9.45 6.21 7.39
C GLU B 127 -8.32 6.55 8.35
N VAL B 128 -8.26 7.79 8.85
CA VAL B 128 -7.15 8.10 9.77
C VAL B 128 -7.44 7.59 11.16
N ILE B 129 -8.69 7.36 11.54
CA ILE B 129 -9.06 6.77 12.82
C ILE B 129 -10.10 5.68 12.49
N PRO B 130 -9.59 4.57 12.00
CA PRO B 130 -10.41 3.44 11.57
C PRO B 130 -11.10 2.76 12.73
N LYS B 131 -12.42 2.64 12.66
CA LYS B 131 -13.17 2.04 13.76
C LYS B 131 -13.79 0.71 13.38
N ILE B 137 -11.98 1.03 17.92
CA ILE B 137 -10.89 1.40 17.03
C ILE B 137 -10.12 0.17 16.57
N LEU B 138 -9.58 0.29 15.36
CA LEU B 138 -8.81 -0.77 14.77
C LEU B 138 -7.32 -0.59 15.01
N PHE B 139 -6.81 -1.11 16.10
CA PHE B 139 -5.40 -1.02 16.37
C PHE B 139 -4.55 -1.96 15.51
N ASP B 140 -3.31 -1.56 15.26
CA ASP B 140 -2.37 -2.38 14.50
C ASP B 140 -1.12 -2.70 15.32
N THR B 141 -0.43 -3.79 15.02
CA THR B 141 0.76 -4.18 15.77
C THR B 141 2.00 -3.98 14.93
N VAL B 142 2.77 -2.95 15.29
CA VAL B 142 3.97 -2.60 14.55
C VAL B 142 5.15 -2.36 15.49
N ASP B 143 6.33 -2.82 15.12
CA ASP B 143 7.56 -2.59 15.87
C ASP B 143 8.01 -1.17 15.51
N LEU B 144 7.98 -0.23 16.45
CA LEU B 144 8.40 1.14 16.14
C LEU B 144 9.88 1.23 15.81
N CYS B 145 10.73 0.27 16.19
CA CYS B 145 12.11 0.28 15.77
C CYS B 145 12.20 0.08 14.25
N ALA B 146 11.31 -0.72 13.68
CA ALA B 146 11.25 -0.93 12.24
C ALA B 146 10.73 0.34 11.56
N THR B 147 9.73 0.99 12.16
CA THR B 147 9.24 2.27 11.67
C THR B 147 10.41 3.26 11.62
N TRP B 148 11.21 3.31 12.71
CA TRP B 148 12.34 4.21 12.77
C TRP B 148 13.38 3.94 11.69
N GLU B 149 13.65 2.67 11.39
CA GLU B 149 14.58 2.35 10.30
C GLU B 149 14.08 2.90 8.97
N ALA B 150 12.77 2.85 8.74
CA ALA B 150 12.19 3.41 7.52
C ALA B 150 12.29 4.93 7.51
N MET B 151 12.20 5.58 8.67
CA MET B 151 12.43 7.01 8.79
C MET B 151 13.87 7.36 8.43
N GLU B 152 14.84 6.57 8.91
CA GLU B 152 16.25 6.75 8.61
C GLU B 152 16.50 6.67 7.11
N LYS B 153 15.81 5.75 6.41
CA LYS B 153 15.95 5.67 4.96
C LYS B 153 15.41 6.92 4.28
N CYS B 154 14.37 7.55 4.83
CA CYS B 154 13.84 8.77 4.26
C CYS B 154 14.84 9.90 4.38
N LYS B 155 15.58 9.97 5.49
CA LYS B 155 16.65 10.95 5.66
C LYS B 155 17.78 10.67 4.68
N ASP B 156 18.17 9.39 4.54
CA ASP B 156 19.22 9.05 3.58
C ASP B 156 18.84 9.34 2.14
N ALA B 157 17.56 9.30 1.79
CA ALA B 157 17.07 9.62 0.47
C ALA B 157 16.95 11.12 0.23
N GLY B 158 17.12 11.95 1.25
CA GLY B 158 17.02 13.40 1.13
C GLY B 158 15.60 13.94 1.19
N LEU B 159 14.60 13.13 1.50
CA LEU B 159 13.22 13.57 1.56
C LEU B 159 12.92 14.30 2.87
N ALA B 160 13.69 14.01 3.91
CA ALA B 160 13.57 14.64 5.22
C ALA B 160 14.99 15.03 5.64
N LYS B 161 15.23 16.31 5.92
CA LYS B 161 16.57 16.71 6.34
C LYS B 161 16.91 16.16 7.72
N SER B 162 15.95 16.15 8.62
CA SER B 162 16.07 15.65 9.96
C SER B 162 14.86 14.77 10.30
N ILE B 163 15.03 13.85 11.24
CA ILE B 163 13.93 12.99 11.68
C ILE B 163 13.85 13.03 13.21
N GLY B 164 12.63 12.92 13.73
CA GLY B 164 12.39 12.93 15.16
C GLY B 164 11.09 12.22 15.51
N VAL B 165 10.66 12.39 16.75
CA VAL B 165 9.45 11.76 17.26
C VAL B 165 8.54 12.77 17.97
N SER B 166 7.31 12.36 18.25
CA SER B 166 6.31 13.17 18.93
C SER B 166 5.49 12.28 19.86
N ASN B 167 5.18 12.78 21.05
CA ASN B 167 4.37 12.04 22.01
C ASN B 167 5.07 10.78 22.47
N PHE B 168 6.40 10.75 22.54
CA PHE B 168 7.13 9.62 23.06
C PHE B 168 7.43 9.86 24.54
N ASN B 169 7.36 8.78 25.32
CA ASN B 169 7.72 8.83 26.73
C ASN B 169 9.15 8.33 26.90
N HIS B 170 9.64 8.28 28.15
CA HIS B 170 10.98 7.79 28.42
C HIS B 170 11.26 6.41 27.86
N ARG B 171 10.37 5.45 28.10
CA ARG B 171 10.56 4.09 27.62
C ARG B 171 10.69 4.05 26.09
N LEU B 172 9.80 4.74 25.39
CA LEU B 172 9.83 4.72 23.93
C LEU B 172 11.08 5.36 23.37
N LEU B 173 11.53 6.48 23.97
CA LEU B 173 12.78 7.10 23.55
C LEU B 173 13.95 6.15 23.73
N GLU B 174 14.01 5.49 24.89
CA GLU B 174 15.09 4.53 25.15
C GLU B 174 15.06 3.36 24.16
N MET B 175 13.87 2.92 23.77
CA MET B 175 13.75 1.83 22.81
C MET B 175 14.40 2.20 21.49
N ILE B 176 14.20 3.45 21.04
CA ILE B 176 14.83 3.91 19.80
C ILE B 176 16.33 4.07 20.02
N LEU B 177 16.71 4.76 21.10
CA LEU B 177 18.12 5.01 21.37
C LEU B 177 18.95 3.74 21.53
N ASN B 178 18.39 2.67 22.09
CA ASN B 178 19.09 1.42 22.29
C ASN B 178 18.93 0.43 21.14
N LYS B 179 18.25 0.82 20.06
CA LYS B 179 18.07 -0.08 18.93
C LYS B 179 19.39 -0.50 18.32
N PRO B 180 19.58 -1.81 18.18
CA PRO B 180 20.79 -2.34 17.55
C PRO B 180 20.91 -1.79 16.14
N GLY B 181 22.07 -1.27 15.76
CA GLY B 181 22.30 -0.72 14.44
C GLY B 181 21.73 0.67 14.20
N LEU B 182 21.31 1.37 15.24
CA LEU B 182 20.77 2.71 15.12
C LEU B 182 21.69 3.56 14.25
N LYS B 183 21.12 4.29 13.29
CA LYS B 183 21.93 5.15 12.45
C LYS B 183 21.79 6.62 12.87
N TYR B 184 20.56 7.07 13.09
CA TYR B 184 20.30 8.45 13.48
C TYR B 184 19.42 8.51 14.72
N LYS B 185 19.87 9.23 15.75
CA LYS B 185 19.01 9.45 16.91
C LYS B 185 17.90 10.42 16.50
N PRO B 186 16.78 10.42 17.18
CA PRO B 186 15.75 11.44 16.94
C PRO B 186 16.34 12.81 17.29
N VAL B 187 16.08 13.84 16.48
CA VAL B 187 16.58 15.17 16.83
C VAL B 187 15.73 15.84 17.90
N CYS B 188 14.47 15.44 18.04
CA CYS B 188 13.54 16.07 18.95
C CYS B 188 12.45 15.11 19.39
N ASN B 189 11.73 15.53 20.42
CA ASN B 189 10.52 14.90 20.92
C ASN B 189 9.49 16.02 21.11
N GLN B 190 8.52 16.10 20.22
CA GLN B 190 7.46 17.12 20.27
C GLN B 190 6.32 16.66 21.18
N VAL B 191 6.15 17.31 22.33
CA VAL B 191 5.17 16.91 23.34
C VAL B 191 4.44 18.11 23.91
N GLU B 192 3.28 17.88 24.54
CA GLU B 192 2.54 18.93 25.21
C GLU B 192 3.40 19.53 26.33
N CYS B 193 3.52 20.86 26.38
CA CYS B 193 4.31 21.45 27.46
C CYS B 193 3.89 22.90 27.65
N HIS B 194 3.60 23.27 28.90
CA HIS B 194 3.12 24.58 29.30
C HIS B 194 3.26 24.67 30.82
N PRO B 195 3.03 25.82 31.44
CA PRO B 195 3.20 25.95 32.88
C PRO B 195 2.35 25.05 33.74
N TYR B 196 1.24 24.47 33.27
CA TYR B 196 0.45 23.54 34.08
C TYR B 196 0.94 22.11 33.91
N PHE B 197 1.83 21.84 32.95
CA PHE B 197 2.36 20.50 32.68
C PHE B 197 3.75 20.70 32.08
N ASN B 198 4.71 21.07 32.94
CA ASN B 198 6.01 21.55 32.45
C ASN B 198 7.02 20.51 32.02
N GLN B 199 6.75 19.23 32.13
CA GLN B 199 7.59 18.15 31.64
C GLN B 199 9.02 18.16 32.12
N ARG B 200 9.29 18.62 33.34
CA ARG B 200 10.66 18.69 33.83
C ARG B 200 11.44 17.40 33.69
N LYS B 201 10.88 16.27 34.13
CA LYS B 201 11.62 15.02 34.04
C LYS B 201 11.94 14.59 32.63
N LEU B 202 10.95 14.66 31.74
CA LEU B 202 11.15 14.27 30.33
C LEU B 202 12.13 15.22 29.65
N LEU B 203 12.01 16.52 29.95
CA LEU B 203 12.92 17.53 29.44
C LEU B 203 14.36 17.24 29.85
N ASP B 204 14.60 16.92 31.13
CA ASP B 204 15.96 16.61 31.56
C ASP B 204 16.47 15.36 30.87
N PHE B 205 15.62 14.33 30.68
CA PHE B 205 16.07 13.15 29.95
C PHE B 205 16.49 13.53 28.53
N CYS B 206 15.65 14.31 27.85
CA CYS B 206 15.98 14.75 26.49
C CYS B 206 17.27 15.54 26.47
N LYS B 207 17.45 16.48 27.40
CA LYS B 207 18.71 17.22 27.47
C LYS B 207 19.92 16.30 27.62
N SER B 208 19.83 15.24 28.42
CA SER B 208 20.92 14.30 28.63
C SER B 208 21.31 13.53 27.37
N LYS B 209 20.46 13.47 26.35
CA LYS B 209 20.72 12.80 25.10
C LYS B 209 20.86 13.78 23.93
N ASP B 210 20.92 15.08 24.21
CA ASP B 210 20.96 16.11 23.18
C ASP B 210 19.77 16.00 22.23
N ILE B 211 18.58 15.74 22.76
CA ILE B 211 17.32 15.68 22.03
C ILE B 211 16.56 16.95 22.41
N VAL B 212 16.14 17.72 21.41
CA VAL B 212 15.39 18.94 21.72
C VAL B 212 13.93 18.63 22.04
N LEU B 213 13.39 19.21 23.10
CA LEU B 213 11.97 19.07 23.42
C LEU B 213 11.24 20.23 22.72
N VAL B 214 10.25 19.93 21.90
CA VAL B 214 9.44 20.91 21.19
C VAL B 214 8.04 20.95 21.82
N ALA B 215 7.67 22.08 22.39
CA ALA B 215 6.41 22.21 23.09
C ALA B 215 5.20 22.57 22.23
N TYR B 216 4.19 21.71 22.34
CA TYR B 216 2.89 21.99 21.72
C TYR B 216 1.86 22.30 22.80
N SER B 217 0.77 22.95 22.39
CA SER B 217 -0.28 23.41 23.29
C SER B 217 0.33 24.26 24.40
N ALA B 218 1.31 25.08 24.01
CA ALA B 218 2.08 25.93 24.92
C ALA B 218 1.25 27.10 25.43
N LEU B 219 0.12 27.38 24.76
CA LEU B 219 -0.77 28.44 25.18
C LEU B 219 -2.04 27.87 25.81
N GLY B 220 -2.02 26.58 26.10
CA GLY B 220 -3.16 25.95 26.74
C GLY B 220 -4.06 25.15 25.81
N SER B 221 -3.68 24.99 24.56
CA SER B 221 -4.34 24.18 23.56
C SER B 221 -5.54 24.85 22.90
N HIS B 222 -5.96 24.25 21.80
CA HIS B 222 -7.15 24.67 21.07
C HIS B 222 -8.43 24.43 21.86
N ARG B 223 -8.40 23.59 22.88
CA ARG B 223 -9.55 23.26 23.71
C ARG B 223 -10.71 22.69 22.90
N GLU B 224 -10.43 22.00 21.80
CA GLU B 224 -11.47 21.46 20.95
C GLU B 224 -12.11 20.22 21.56
N GLU B 225 -13.45 20.25 21.59
CA GLU B 225 -14.18 19.05 22.07
C GLU B 225 -14.03 17.99 21.02
N PRO B 226 -14.42 16.76 21.31
CA PRO B 226 -13.98 15.92 22.37
C PRO B 226 -12.54 15.71 22.77
N TRP B 227 -11.55 16.35 22.19
CA TRP B 227 -10.15 16.13 22.50
C TRP B 227 -9.72 16.71 23.84
N VAL B 228 -10.29 17.81 24.27
CA VAL B 228 -9.93 18.49 25.51
C VAL B 228 -11.15 18.63 26.40
N ASP B 229 -11.01 18.28 27.67
CA ASP B 229 -12.13 18.41 28.59
C ASP B 229 -12.45 19.87 28.84
N PRO B 230 -13.69 20.31 28.70
CA PRO B 230 -14.07 21.68 28.96
C PRO B 230 -13.97 22.11 30.41
N ASN B 231 -13.82 21.19 31.36
CA ASN B 231 -13.64 21.46 32.76
C ASN B 231 -12.17 21.74 33.10
N SER B 232 -11.25 21.57 32.15
CA SER B 232 -9.84 21.87 32.46
C SER B 232 -9.71 23.37 32.63
N PRO B 233 -8.80 23.80 33.49
CA PRO B 233 -8.56 25.23 33.70
C PRO B 233 -8.04 25.89 32.42
N VAL B 234 -8.39 27.14 32.20
CA VAL B 234 -7.93 27.90 31.05
C VAL B 234 -6.56 28.48 31.40
N LEU B 235 -5.50 27.96 30.78
CA LEU B 235 -4.14 28.36 31.09
C LEU B 235 -3.94 29.86 31.17
N LEU B 236 -4.34 30.58 30.13
CA LEU B 236 -4.03 32.01 30.06
C LEU B 236 -4.79 32.88 31.03
N GLU B 237 -5.73 32.35 31.80
CA GLU B 237 -6.40 33.09 32.87
C GLU B 237 -5.62 32.99 34.18
N ASP B 238 -4.52 32.26 34.24
CA ASP B 238 -3.74 32.10 35.45
C ASP B 238 -3.32 33.44 36.02
N PRO B 239 -3.50 33.65 37.32
CA PRO B 239 -3.12 34.92 37.94
C PRO B 239 -1.63 35.22 37.90
N VAL B 240 -0.77 34.20 37.99
CA VAL B 240 0.67 34.43 37.92
C VAL B 240 1.07 34.85 36.51
N LEU B 241 0.56 34.17 35.48
CA LEU B 241 0.86 34.59 34.12
C LEU B 241 0.33 36.00 33.88
N CYS B 242 -0.87 36.31 34.38
CA CYS B 242 -1.45 37.64 34.18
C CYS B 242 -0.68 38.72 34.93
N ALA B 243 -0.18 38.42 36.12
CA ALA B 243 0.60 39.38 36.89
C ALA B 243 1.92 39.69 36.19
N LEU B 244 2.60 38.66 35.69
CA LEU B 244 3.86 38.85 34.95
C LEU B 244 3.64 39.62 33.66
N ALA B 245 2.54 39.34 32.97
CA ALA B 245 2.16 40.08 31.78
C ALA B 245 1.97 41.57 32.08
N LYS B 246 1.24 41.86 33.17
CA LYS B 246 1.01 43.25 33.55
C LYS B 246 2.30 43.95 33.92
N LYS B 247 3.20 43.30 34.64
CA LYS B 247 4.46 43.92 35.03
C LYS B 247 5.32 44.25 33.80
N HIS B 248 5.39 43.32 32.85
CA HIS B 248 6.18 43.51 31.65
C HIS B 248 5.47 44.27 30.55
N LYS B 249 4.21 44.62 30.71
CA LYS B 249 3.40 45.28 29.69
C LYS B 249 3.36 44.40 28.43
N ARG B 250 3.19 43.10 28.67
CA ARG B 250 3.05 42.07 27.64
C ARG B 250 1.70 41.39 27.85
N THR B 251 1.56 40.12 27.50
CA THR B 251 0.30 39.37 27.59
C THR B 251 0.62 38.01 28.19
N PRO B 252 -0.36 37.33 28.78
CA PRO B 252 -0.12 36.03 29.35
C PRO B 252 0.44 35.05 28.33
N ALA B 253 -0.04 35.09 27.08
CA ALA B 253 0.51 34.21 26.05
C ALA B 253 2.01 34.42 25.87
N LEU B 254 2.44 35.68 25.82
CA LEU B 254 3.86 35.96 25.65
C LEU B 254 4.69 35.44 26.81
N ILE B 255 4.16 35.50 28.04
CA ILE B 255 4.88 34.99 29.20
C ILE B 255 5.04 33.48 29.07
N ALA B 256 3.97 32.81 28.64
CA ALA B 256 4.02 31.36 28.47
C ALA B 256 5.01 30.93 27.38
N LEU B 257 5.12 31.67 26.29
CA LEU B 257 6.08 31.34 25.25
C LEU B 257 7.52 31.59 25.72
N ARG B 258 7.74 32.74 26.37
CA ARG B 258 9.09 33.08 26.82
C ARG B 258 9.61 32.11 27.86
N TYR B 259 8.74 31.61 28.72
CA TYR B 259 9.09 30.60 29.71
C TYR B 259 9.80 29.42 29.03
N GLN B 260 9.22 28.91 27.94
CA GLN B 260 9.83 27.78 27.25
C GLN B 260 11.19 28.11 26.67
N LEU B 261 11.31 29.29 26.03
CA LEU B 261 12.62 29.62 25.44
C LEU B 261 13.72 29.64 26.48
N GLN B 262 13.45 30.19 27.67
CA GLN B 262 14.48 30.27 28.69
C GLN B 262 14.81 29.00 29.43
N ARG B 263 14.06 27.93 29.22
CA ARG B 263 14.40 26.63 29.80
C ARG B 263 14.93 25.68 28.73
N GLY B 264 15.29 26.19 27.55
CA GLY B 264 15.89 25.39 26.51
C GLY B 264 14.95 24.60 25.65
N VAL B 265 13.67 24.95 25.66
CA VAL B 265 12.63 24.31 24.87
C VAL B 265 12.31 25.10 23.61
N VAL B 266 12.11 24.43 22.49
CA VAL B 266 11.60 25.06 21.26
C VAL B 266 10.08 25.13 21.38
N VAL B 267 9.47 26.28 21.15
CA VAL B 267 8.05 26.45 21.41
C VAL B 267 7.22 26.75 20.18
N LEU B 268 6.08 26.08 20.06
CA LEU B 268 5.12 26.35 18.99
C LEU B 268 4.03 27.28 19.49
N ALA B 269 3.39 28.00 18.58
CA ALA B 269 2.27 28.87 18.92
C ALA B 269 1.31 28.92 17.72
N LYS B 270 0.08 28.46 17.89
CA LYS B 270 -0.89 28.56 16.80
C LYS B 270 -1.73 29.83 16.98
N SER B 271 -1.89 30.58 15.90
CA SER B 271 -2.83 31.68 15.85
C SER B 271 -3.28 31.89 14.40
N TYR B 272 -4.58 32.08 14.19
CA TYR B 272 -5.08 32.41 12.86
C TYR B 272 -5.50 33.88 12.83
N ASN B 273 -5.15 34.65 13.85
CA ASN B 273 -5.51 36.07 13.96
C ASN B 273 -4.32 36.94 13.62
N GLU B 274 -4.44 37.88 12.68
CA GLU B 274 -3.31 38.69 12.28
C GLU B 274 -2.62 39.36 13.46
N GLN B 275 -3.38 39.99 14.35
CA GLN B 275 -2.67 40.67 15.43
C GLN B 275 -1.99 39.72 16.41
N ARG B 276 -2.64 38.61 16.75
CA ARG B 276 -1.99 37.67 17.69
C ARG B 276 -0.77 37.04 17.03
N ILE B 277 -0.79 36.78 15.73
CA ILE B 277 0.39 36.25 15.04
C ILE B 277 1.56 37.21 15.21
N ARG B 278 1.31 38.52 14.99
CA ARG B 278 2.35 39.53 15.14
C ARG B 278 2.76 39.69 16.59
N GLN B 279 1.83 39.54 17.52
CA GLN B 279 2.14 39.63 18.94
C GLN B 279 3.07 38.51 19.36
N ASN B 280 2.84 37.29 18.89
CA ASN B 280 3.63 36.14 19.34
C ASN B 280 5.10 36.22 18.99
N VAL B 281 5.46 36.88 17.89
CA VAL B 281 6.87 37.04 17.52
C VAL B 281 7.59 37.98 18.47
N GLN B 282 6.86 38.75 19.30
CA GLN B 282 7.43 39.62 20.29
C GLN B 282 8.05 38.85 21.46
N VAL B 283 8.04 37.51 21.44
CA VAL B 283 8.73 36.74 22.46
C VAL B 283 10.22 37.02 22.48
N PHE B 284 10.80 37.47 21.37
CA PHE B 284 12.21 37.79 21.31
C PHE B 284 12.54 39.22 21.76
N GLU B 285 11.56 39.97 22.25
CA GLU B 285 11.77 41.37 22.63
C GLU B 285 11.91 41.61 24.13
N PHE B 286 11.80 40.58 24.96
CA PHE B 286 11.93 40.77 26.41
C PHE B 286 12.46 39.46 27.00
N GLN B 287 12.88 39.53 28.26
CA GLN B 287 13.39 38.36 28.97
C GLN B 287 12.74 38.25 30.35
N LEU B 288 12.68 37.04 30.89
CA LEU B 288 12.15 36.81 32.24
C LEU B 288 13.32 36.66 33.21
N THR B 289 13.16 37.15 34.43
CA THR B 289 14.21 36.97 35.44
C THR B 289 14.13 35.57 36.04
N SER B 290 15.18 35.17 36.76
CA SER B 290 15.19 33.84 37.39
C SER B 290 14.05 33.72 38.39
N GLU B 291 13.69 34.79 39.08
CA GLU B 291 12.58 34.82 40.03
C GLU B 291 11.26 34.57 39.28
N GLU B 292 11.04 35.22 38.16
CA GLU B 292 9.85 35.02 37.34
C GLU B 292 9.78 33.59 36.82
N MET B 293 10.92 33.05 36.39
CA MET B 293 10.94 31.67 35.92
C MET B 293 10.53 30.71 37.03
N LYS B 294 11.00 30.96 38.26
CA LYS B 294 10.63 30.13 39.40
C LYS B 294 9.14 30.24 39.72
N ALA B 295 8.56 31.43 39.58
CA ALA B 295 7.12 31.59 39.82
C ALA B 295 6.31 30.77 38.82
N ILE B 296 6.77 30.75 37.56
CA ILE B 296 6.08 29.97 36.53
C ILE B 296 6.30 28.48 36.75
N ASP B 297 7.49 28.04 37.19
CA ASP B 297 7.74 26.66 37.55
C ASP B 297 6.76 26.20 38.63
N GLY B 298 6.42 27.09 39.55
CA GLY B 298 5.50 26.78 40.64
C GLY B 298 4.08 26.52 40.21
N LEU B 299 3.69 26.82 38.98
CA LEU B 299 2.35 26.56 38.48
C LEU B 299 2.11 25.12 38.09
N ASN B 300 3.15 24.31 37.96
CA ASN B 300 3.05 22.92 37.55
C ASN B 300 1.96 22.22 38.33
N ARG B 301 0.99 21.61 37.64
CA ARG B 301 -0.13 21.02 38.39
C ARG B 301 -0.74 19.81 37.74
N ASN B 302 0.03 19.09 36.93
CA ASN B 302 -0.44 17.84 36.33
C ASN B 302 -1.69 17.96 35.49
N VAL B 303 -1.86 19.04 34.73
CA VAL B 303 -2.97 19.22 33.82
C VAL B 303 -2.49 18.94 32.39
N ARG B 304 -2.88 17.76 31.89
CA ARG B 304 -2.60 17.40 30.49
C ARG B 304 -3.87 17.64 29.70
N TYR B 305 -3.88 18.58 28.79
CA TYR B 305 -5.05 18.88 27.99
C TYR B 305 -5.35 17.81 26.96
N LEU B 306 -4.32 17.32 26.27
CA LEU B 306 -4.48 16.35 25.20
C LEU B 306 -4.10 14.93 25.60
N THR B 307 -5.09 14.15 26.04
CA THR B 307 -4.76 12.79 26.46
C THR B 307 -4.74 11.82 25.29
N LEU B 308 -5.50 12.09 24.23
CA LEU B 308 -5.67 11.15 23.12
C LEU B 308 -6.02 9.77 23.69
N ASP B 309 -6.96 9.74 24.66
CA ASP B 309 -7.28 8.50 25.34
C ASP B 309 -8.14 7.53 24.56
N ILE B 310 -8.57 7.89 23.34
CA ILE B 310 -9.20 6.92 22.45
C ILE B 310 -8.15 5.90 22.01
N PHE B 311 -6.86 6.20 22.11
CA PHE B 311 -5.76 5.34 21.75
C PHE B 311 -5.16 4.58 22.94
N ALA B 312 -5.77 4.65 24.12
CA ALA B 312 -5.27 3.94 25.28
C ALA B 312 -5.50 2.44 25.15
N GLY B 313 -4.62 1.67 25.81
CA GLY B 313 -4.74 0.21 25.77
C GLY B 313 -3.41 -0.45 25.44
N PRO B 314 -2.93 -0.27 24.21
CA PRO B 314 -1.65 -0.85 23.82
C PRO B 314 -0.54 -0.31 24.70
N PRO B 315 0.55 -1.06 24.88
CA PRO B 315 1.68 -0.64 25.70
C PRO B 315 2.36 0.62 25.19
N ASN B 316 2.30 0.90 23.89
CA ASN B 316 2.87 2.13 23.34
C ASN B 316 2.04 3.36 23.68
N TYR B 317 0.83 3.28 24.21
CA TYR B 317 0.11 4.49 24.63
C TYR B 317 1.04 5.17 25.63
N PRO B 318 1.40 6.43 25.39
CA PRO B 318 2.53 7.01 26.08
C PRO B 318 2.29 7.70 27.41
N PHE B 319 1.06 8.01 27.74
CA PHE B 319 0.77 8.84 28.90
C PHE B 319 0.43 8.12 30.19
N SER B 320 0.49 6.80 30.23
CA SER B 320 0.22 6.07 31.47
C SER B 320 1.43 6.12 32.39
N ASP B 321 2.63 6.00 31.85
CA ASP B 321 3.86 6.03 32.62
C ASP B 321 4.03 7.38 33.29
N GLU B 322 4.84 7.42 34.35
CA GLU B 322 5.12 8.67 35.04
C GLU B 322 5.64 9.72 34.07
N TYR B 323 6.61 9.36 33.25
CA TYR B 323 7.13 10.22 32.18
C TYR B 323 7.81 9.33 31.14
C ACT C . -10.39 -23.45 -12.19
O ACT C . -10.99 -22.52 -11.55
OXT ACT C . -9.94 -23.76 -13.34
CH3 ACT C . -9.91 -24.76 -11.47
PA NAP D . -9.32 -12.81 -10.89
O1A NAP D . -8.25 -12.96 -9.91
O2A NAP D . -8.92 -12.46 -12.30
O5B NAP D . -10.37 -11.74 -10.39
C5B NAP D . -11.06 -11.53 -9.29
C4B NAP D . -12.26 -10.63 -9.29
O4B NAP D . -11.73 -9.38 -9.56
C3B NAP D . -13.44 -10.76 -10.28
O3B NAP D . -14.52 -11.29 -9.51
C2B NAP D . -13.74 -9.36 -10.72
O2B NAP D . -15.11 -8.93 -10.49
C1B NAP D . -12.76 -8.47 -9.97
N9A NAP D . -12.13 -7.46 -10.77
C8A NAP D . -11.73 -7.57 -12.09
N7A NAP D . -11.13 -6.43 -12.50
C5A NAP D . -11.15 -5.64 -11.41
C6A NAP D . -10.68 -4.35 -11.27
N6A NAP D . -10.08 -3.64 -12.21
N1A NAP D . -10.84 -3.72 -10.02
C2A NAP D . -11.45 -4.37 -9.02
N3A NAP D . -11.91 -5.62 -9.13
C4A NAP D . -11.78 -6.28 -10.35
O3 NAP D . -10.01 -14.21 -11.01
PN NAP D . -10.28 -15.66 -11.25
O1N NAP D . -9.91 -16.45 -10.14
O2N NAP D . -11.40 -15.99 -12.15
O5D NAP D . -9.10 -15.56 -12.20
C5D NAP D . -8.98 -15.36 -13.56
C4D NAP D . -9.21 -16.44 -14.58
O4D NAP D . -8.14 -17.40 -14.51
C3D NAP D . -10.48 -17.35 -14.46
O3D NAP D . -11.69 -16.67 -14.91
C2D NAP D . -10.04 -18.50 -15.39
O2D NAP D . -10.16 -18.09 -16.75
C1D NAP D . -8.62 -18.69 -14.95
N1N NAP D . -8.43 -19.65 -13.83
C2N NAP D . -7.84 -20.89 -14.13
C3N NAP D . -7.65 -21.81 -13.10
C7N NAP D . -6.91 -23.10 -13.36
O7N NAP D . -6.95 -24.01 -12.56
N7N NAP D . -6.22 -23.15 -14.51
C4N NAP D . -8.08 -21.49 -11.77
C5N NAP D . -8.66 -20.23 -11.44
C6N NAP D . -8.82 -19.32 -12.48
P2B NAP D . -16.07 -8.35 -11.68
O1X NAP D . -16.24 -9.53 -12.64
O2X NAP D . -17.35 -7.93 -10.98
O3X NAP D . -15.30 -7.19 -12.32
C1 TES E . -14.83 -24.01 -9.59
C2 TES E . -13.49 -23.35 -9.22
C3 TES E . -12.58 -24.31 -8.52
O3 TES E . -11.87 -24.01 -7.61
C4 TES E . -12.57 -25.65 -9.06
C5 TES E . -13.48 -26.12 -9.93
C6 TES E . -13.34 -27.52 -10.44
C7 TES E . -14.60 -28.35 -10.24
C8 TES E . -15.80 -27.59 -10.81
C9 TES E . -15.94 -26.17 -10.26
C10 TES E . -14.69 -25.29 -10.42
C11 TES E . -17.16 -25.39 -10.78
C12 TES E . -18.45 -26.18 -10.53
C13 TES E . -18.35 -27.60 -11.11
C14 TES E . -17.12 -28.30 -10.53
C15 TES E . -17.27 -29.77 -10.91
C16 TES E . -18.78 -30.00 -10.77
C17 TES E . -19.40 -28.61 -10.54
O17 TES E . -20.73 -28.44 -11.07
C18 TES E . -18.34 -27.60 -12.65
C19 TES E . -14.45 -24.96 -11.91
C ACT F . -2.30 16.59 17.16
O ACT F . -2.38 15.36 17.69
OXT ACT F . -1.19 16.68 16.52
CH3 ACT F . -3.40 17.49 17.42
PA NAP G . -1.84 26.67 21.26
O1A NAP G . -1.65 26.15 22.62
O2A NAP G . -0.64 27.16 20.51
O5B NAP G . -2.92 27.79 21.26
C5B NAP G . -4.10 27.98 21.82
C4B NAP G . -5.04 29.04 21.33
O4B NAP G . -4.39 30.21 21.69
C3B NAP G . -5.39 29.26 19.84
O3B NAP G . -6.75 28.84 19.68
C2B NAP G . -5.26 30.73 19.60
O2B NAP G . -6.43 31.41 19.08
C1B NAP G . -4.88 31.33 20.96
N9A NAP G . -3.84 32.31 20.91
C8A NAP G . -2.72 32.31 20.09
N7A NAP G . -1.94 33.39 20.35
C5A NAP G . -2.60 34.04 21.35
C6A NAP G . -2.28 35.21 22.02
N6A NAP G . -1.21 35.93 21.79
N1A NAP G . -3.17 35.65 23.02
C2A NAP G . -4.28 34.97 23.32
N3A NAP G . -4.61 33.84 22.69
C4A NAP G . -3.76 33.37 21.68
O3 NAP G . -2.37 25.46 20.39
PN NAP G . -2.51 24.10 19.80
O1N NAP G . -2.97 23.15 20.73
O2N NAP G . -2.78 24.02 18.32
O5D NAP G . -0.99 24.15 19.76
C5D NAP G . -0.05 24.54 18.83
C4D NAP G . 0.41 23.69 17.68
O4D NAP G . 1.19 22.57 18.12
C3D NAP G . -0.70 23.00 16.79
O3D NAP G . -1.35 23.93 15.89
C2D NAP G . 0.16 21.93 16.07
O2D NAP G . 0.93 22.57 15.03
C1D NAP G . 1.03 21.47 17.20
N1N NAP G . 0.43 20.33 17.95
C2N NAP G . 1.04 19.09 17.81
C3N NAP G . 0.50 18.01 18.51
C7N NAP G . 1.16 16.64 18.44
O7N NAP G . 0.57 15.64 18.84
N7N NAP G . 2.39 16.64 17.91
C4N NAP G . -0.66 18.20 19.32
C5N NAP G . -1.28 19.46 19.49
C6N NAP G . -0.73 20.54 18.80
P2B NAP G . -6.41 32.31 17.70
O1X NAP G . -6.03 31.35 16.58
O2X NAP G . -7.82 32.84 17.60
O3X NAP G . -5.36 33.38 17.92
C1 TES H . -8.03 16.97 16.60
C2 TES H . -7.13 17.48 17.72
C3 TES H . -6.55 16.34 18.50
O3 TES H . -6.52 16.31 19.70
C4 TES H . -6.05 15.23 17.73
C5 TES H . -6.38 15.03 16.42
C6 TES H . -5.80 13.85 15.70
C7 TES H . -7.01 12.98 15.19
C8 TES H . -7.67 14.01 14.09
C9 TES H . -8.40 15.12 14.96
C10 TES H . -7.31 15.99 15.64
C11 TES H . -9.17 16.15 13.98
C12 TES H . -10.36 15.26 13.39
C13 TES H . -9.69 14.18 12.53
C14 TES H . -8.94 13.25 13.50
C15 TES H . -8.55 12.04 12.56
C16 TES H . -10.01 11.73 12.09
C17 TES H . -10.73 13.10 12.03
O17 TES H . -11.21 13.37 10.67
C18 TES H . -8.87 14.75 11.39
C19 TES H . -6.40 16.71 14.64
#